data_9C4P
#
_entry.id   9C4P
#
_cell.length_a   178.704
_cell.length_b   178.704
_cell.length_c   184.806
_cell.angle_alpha   90.000
_cell.angle_beta   90.000
_cell.angle_gamma   120.000
#
_symmetry.space_group_name_H-M   'P 64 2 2'
#
loop_
_entity.id
_entity.type
_entity.pdbx_description
1 polymer 'Acetolactate synthase, chloroplastic'
2 non-polymer 'MAGNESIUM ION'
3 non-polymer 'FLAVIN-ADENINE DINUCLEOTIDE'
4 non-polymer '2-[N-CYCLOHEXYLAMINO]ETHANE SULFONIC ACID'
5 non-polymer 2-(2-chloroethoxy)-N-[(4-methoxy-6-methyl-1,3,5-triazin-2-yl)carbamoyl]benzene-1-sulfonamide
6 non-polymer 'S,R MESO-TARTARIC ACID'
7 non-polymer '2-[3-[(4-azanyl-2-methyl-pyrimidin-5-yl)methyl]-2-[(1~{S})-1-(dioxidanyl)-1-oxidanyl-ethyl]-4-methyl-1,3-thiazol-5-yl]ethyl phosphono hydrogen phosphate'
8 non-polymer 'SULFATE ION'
9 water water
#
_entity_poly.entity_id   1
_entity_poly.type   'polypeptide(L)'
_entity_poly.pdbx_seq_one_letter_code
;TFISRFAPDQPRKGADILVEALERQGVETVFAYPGGASMEIHQALTRSSSIRNVLPRHEQGGVFAAEGYARSSGKPGICI
ATSGPGATNLVSGLADALLDSVPLVAITGQVPRRMIGTDAFQETPIVEVTRSITKHNYLVMDVEDIPRIIEEAFFLATSG
RPGPVLVDVPKDIQQQLAIPNWEQAMRLPGYMSRMPKPPEDSHLEQIVRLISESKKPVLYVGGGCLNSSDELGRFVELTG
IPVASTLMGLGSYP(CSD)DDELSLHMLGMHGTVYANYAVEHSDLLLAFGVRFDDRVTGKLEAFASRAKIVHIDIDSAEI
GKNKTPHVSVCGDVKLALQGMNKVLENRAEELKLDFGVWRNELNVQKQKFPLSFKTFGEAIPPQYAIKVLDELTDGKAII
STGVGQHQMWAAQFYNYKKPRQWLSSGGLGAMGFGLPAAIGASVANPDAIVVDIDGDGSFIMNVQELATIRVENLPVKVL
LLNNQHLGMVMQWEDRFYKANRAHTFLGDPAQEDEIFPNMLLFAAACGIPAARVTKKADLREAIQTMLDTPGPYLLDVIC
PHQEHVLPMIPSGGTFNDVITEGDGRLEHHHHHH
;
_entity_poly.pdbx_strand_id   A
#
loop_
_chem_comp.id
_chem_comp.type
_chem_comp.name
_chem_comp.formula
A1AUE non-polymer 2-(2-chloroethoxy)-N-[(4-methoxy-6-methyl-1,3,5-triazin-2-yl)carbamoyl]benzene-1-sulfonamide 'C14 H16 Cl N5 O5 S'
AUJ non-polymer '2-[3-[(4-azanyl-2-methyl-pyrimidin-5-yl)methyl]-2-[(1~{S})-1-(dioxidanyl)-1-oxidanyl-ethyl]-4-methyl-1,3-thiazol-5-yl]ethyl phosphono hydrogen phosphate' 'C14 H23 N4 O10 P2 S 1'
FAD non-polymer 'FLAVIN-ADENINE DINUCLEOTIDE' 'C27 H33 N9 O15 P2'
MG non-polymer 'MAGNESIUM ION' 'Mg 2'
NHE non-polymer '2-[N-CYCLOHEXYLAMINO]ETHANE SULFONIC ACID' 'C8 H17 N O3 S'
SO4 non-polymer 'SULFATE ION' 'O4 S -2'
SRT non-polymer 'S,R MESO-TARTARIC ACID' 'C4 H6 O6'
#
# COMPACT_ATOMS: atom_id res chain seq x y z
N THR A 1 29.04 14.82 -1.12
CA THR A 1 29.11 16.28 -1.03
C THR A 1 28.17 16.93 -2.03
N PHE A 2 27.17 17.63 -1.51
CA PHE A 2 26.13 18.23 -2.35
C PHE A 2 26.67 19.46 -3.07
N ILE A 3 26.18 19.66 -4.30
CA ILE A 3 26.56 20.79 -5.13
C ILE A 3 25.31 21.64 -5.36
N SER A 4 25.27 22.82 -4.74
CA SER A 4 24.16 23.74 -4.92
C SER A 4 24.28 24.46 -6.25
N ARG A 5 23.13 24.92 -6.76
CA ARG A 5 23.09 25.77 -7.93
C ARG A 5 23.22 27.24 -7.59
N PHE A 6 23.39 27.57 -6.32
CA PHE A 6 23.54 28.94 -5.86
C PHE A 6 24.79 29.06 -4.98
N ALA A 7 25.34 30.26 -4.93
CA ALA A 7 26.50 30.50 -4.08
C ALA A 7 26.08 30.47 -2.60
N PRO A 8 26.97 30.02 -1.71
CA PRO A 8 26.60 29.94 -0.29
C PRO A 8 26.22 31.27 0.33
N ASP A 9 26.62 32.39 -0.29
CA ASP A 9 26.26 33.72 0.19
C ASP A 9 25.25 34.41 -0.73
N GLN A 10 24.63 33.67 -1.64
CA GLN A 10 23.73 34.26 -2.62
C GLN A 10 22.29 34.08 -2.17
N PRO A 11 21.54 35.16 -1.99
CA PRO A 11 20.12 35.00 -1.65
C PRO A 11 19.31 34.48 -2.82
N ARG A 12 18.41 33.56 -2.53
CA ARG A 12 17.47 33.04 -3.51
C ARG A 12 16.08 33.00 -2.91
N LYS A 13 15.08 32.86 -3.78
CA LYS A 13 13.70 32.75 -3.34
C LYS A 13 13.52 31.55 -2.41
N GLY A 14 12.54 31.66 -1.51
CA GLY A 14 12.22 30.54 -0.65
C GLY A 14 11.83 29.29 -1.43
N ALA A 15 11.20 29.48 -2.59
CA ALA A 15 10.85 28.33 -3.44
C ALA A 15 12.10 27.59 -3.90
N ASP A 16 13.16 28.34 -4.24
CA ASP A 16 14.43 27.70 -4.59
C ASP A 16 15.08 27.04 -3.39
N ILE A 17 14.92 27.63 -2.19
CA ILE A 17 15.42 26.98 -0.98
C ILE A 17 14.67 25.67 -0.75
N LEU A 18 13.36 25.66 -0.99
CA LEU A 18 12.58 24.45 -0.78
C LEU A 18 12.97 23.36 -1.77
N VAL A 19 13.15 23.71 -3.05
CA VAL A 19 13.54 22.71 -4.05
C VAL A 19 14.92 22.14 -3.74
N GLU A 20 15.87 23.00 -3.37
CA GLU A 20 17.18 22.48 -2.98
C GLU A 20 17.10 21.65 -1.72
N ALA A 21 16.20 22.00 -0.80
CA ALA A 21 15.97 21.14 0.37
C ALA A 21 15.52 19.75 -0.05
N LEU A 22 14.71 19.66 -1.12
CA LEU A 22 14.34 18.36 -1.64
C LEU A 22 15.53 17.66 -2.28
N GLU A 23 16.32 18.40 -3.07
CA GLU A 23 17.52 17.83 -3.68
C GLU A 23 18.46 17.27 -2.63
N ARG A 24 18.65 17.99 -1.51
CA ARG A 24 19.53 17.51 -0.46
C ARG A 24 18.99 16.29 0.26
N GLN A 25 17.71 15.99 0.11
CA GLN A 25 17.14 14.76 0.64
C GLN A 25 17.24 13.60 -0.36
N GLY A 26 17.82 13.83 -1.52
CA GLY A 26 17.91 12.80 -2.54
C GLY A 26 16.67 12.65 -3.40
N VAL A 27 15.74 13.61 -3.34
CA VAL A 27 14.53 13.54 -4.13
C VAL A 27 14.88 13.64 -5.61
N GLU A 28 14.34 12.72 -6.41
CA GLU A 28 14.48 12.76 -7.86
C GLU A 28 13.17 12.96 -8.59
N THR A 29 12.05 12.60 -7.99
CA THR A 29 10.75 12.68 -8.64
C THR A 29 9.73 13.28 -7.68
N VAL A 30 8.96 14.24 -8.18
CA VAL A 30 7.82 14.78 -7.45
C VAL A 30 6.60 14.68 -8.35
N PHE A 31 5.43 14.74 -7.74
CA PHE A 31 4.16 14.71 -8.45
C PHE A 31 3.42 16.00 -8.11
N ALA A 32 3.56 17.00 -8.97
CA ALA A 32 3.17 18.36 -8.65
C ALA A 32 2.20 18.90 -9.70
N TYR A 33 1.08 19.44 -9.24
CA TYR A 33 0.08 20.06 -10.09
C TYR A 33 0.02 21.56 -9.78
N PRO A 34 0.27 22.43 -10.75
CA PRO A 34 0.46 23.85 -10.42
C PRO A 34 -0.83 24.59 -10.14
N GLY A 35 -0.70 25.65 -9.34
CA GLY A 35 -1.76 26.61 -9.13
C GLY A 35 -1.15 27.91 -8.65
N GLY A 36 -2.01 28.91 -8.45
CA GLY A 36 -1.53 30.24 -8.12
C GLY A 36 -0.62 30.27 -6.90
N ALA A 37 -1.02 29.58 -5.84
CA ALA A 37 -0.26 29.64 -4.59
C ALA A 37 1.05 28.86 -4.65
N SER A 38 1.26 28.03 -5.66
CA SER A 38 2.49 27.24 -5.76
C SER A 38 3.26 27.51 -7.06
N MET A 39 2.90 28.57 -7.80
CA MET A 39 3.61 28.88 -9.04
C MET A 39 5.11 29.04 -8.82
N GLU A 40 5.49 29.69 -7.72
CA GLU A 40 6.91 29.90 -7.43
C GLU A 40 7.63 28.58 -7.26
N ILE A 41 7.01 27.63 -6.58
CA ILE A 41 7.62 26.31 -6.41
C ILE A 41 7.79 25.62 -7.75
N HIS A 42 6.82 25.79 -8.65
CA HIS A 42 6.91 25.15 -9.96
C HIS A 42 7.98 25.81 -10.83
N GLN A 43 8.11 27.13 -10.74
CA GLN A 43 9.21 27.80 -11.43
C GLN A 43 10.56 27.31 -10.92
N ALA A 44 10.69 27.13 -9.60
CA ALA A 44 11.94 26.65 -9.04
C ALA A 44 12.22 25.20 -9.43
N LEU A 45 11.17 24.42 -9.68
CA LEU A 45 11.35 23.03 -10.11
C LEU A 45 11.97 22.95 -11.50
N THR A 46 11.56 23.83 -12.41
CA THR A 46 12.16 23.84 -13.75
C THR A 46 13.62 24.22 -13.70
N ARG A 47 14.06 24.95 -12.67
CA ARG A 47 15.46 25.30 -12.52
C ARG A 47 16.29 24.16 -11.93
N SER A 48 15.65 23.13 -11.38
CA SER A 48 16.37 21.98 -10.88
C SER A 48 16.64 21.01 -12.03
N SER A 49 17.88 20.51 -12.12
CA SER A 49 18.22 19.52 -13.13
C SER A 49 18.14 18.10 -12.60
N SER A 50 18.07 17.91 -11.29
CA SER A 50 18.05 16.58 -10.70
C SER A 50 16.65 16.10 -10.32
N ILE A 51 15.66 17.00 -10.28
CA ILE A 51 14.30 16.63 -9.90
C ILE A 51 13.41 16.70 -11.13
N ARG A 52 12.69 15.61 -11.39
CA ARG A 52 11.71 15.53 -12.47
C ARG A 52 10.32 15.60 -11.89
N ASN A 53 9.45 16.37 -12.54
CA ASN A 53 8.04 16.45 -12.14
C ASN A 53 7.19 15.60 -13.07
N VAL A 54 6.33 14.79 -12.49
CA VAL A 54 5.29 14.06 -13.21
C VAL A 54 3.98 14.78 -12.94
N LEU A 55 3.50 15.50 -13.95
CA LEU A 55 2.25 16.26 -13.86
C LEU A 55 1.06 15.32 -13.95
N PRO A 56 0.31 15.13 -12.88
CA PRO A 56 -0.91 14.33 -12.94
C PRO A 56 -2.04 15.18 -13.53
N ARG A 57 -3.20 14.57 -13.68
CA ARG A 57 -4.38 15.30 -14.14
C ARG A 57 -5.37 15.58 -13.02
N HIS A 58 -5.03 15.15 -11.79
CA HIS A 58 -5.84 15.39 -10.61
C HIS A 58 -4.92 15.20 -9.41
N GLU A 59 -5.03 16.10 -8.42
CA GLU A 59 -4.11 16.02 -7.29
C GLU A 59 -4.29 14.72 -6.51
N GLN A 60 -5.50 14.15 -6.51
CA GLN A 60 -5.66 12.82 -5.93
C GLN A 60 -4.83 11.79 -6.69
N GLY A 61 -4.76 11.94 -8.02
CA GLY A 61 -3.81 11.14 -8.79
C GLY A 61 -2.37 11.42 -8.39
N GLY A 62 -2.08 12.69 -8.08
CA GLY A 62 -0.74 13.04 -7.65
C GLY A 62 -0.33 12.36 -6.35
N VAL A 63 -1.20 12.42 -5.34
CA VAL A 63 -0.85 11.83 -4.04
C VAL A 63 -0.83 10.30 -4.13
N PHE A 64 -1.78 9.70 -4.87
CA PHE A 64 -1.76 8.26 -5.02
C PHE A 64 -0.55 7.78 -5.81
N ALA A 65 -0.09 8.57 -6.78
CA ALA A 65 1.16 8.23 -7.48
C ALA A 65 2.35 8.32 -6.53
N ALA A 66 2.38 9.34 -5.68
CA ALA A 66 3.43 9.43 -4.67
C ALA A 66 3.41 8.23 -3.75
N GLU A 67 2.22 7.72 -3.43
CA GLU A 67 2.09 6.50 -2.65
C GLU A 67 2.68 5.30 -3.38
N GLY A 68 2.26 5.10 -4.64
CA GLY A 68 2.79 4.00 -5.42
C GLY A 68 4.30 4.07 -5.56
N TYR A 69 4.82 5.28 -5.78
CA TYR A 69 6.26 5.51 -5.77
C TYR A 69 6.88 5.02 -4.47
N ALA A 70 6.29 5.39 -3.34
CA ALA A 70 6.84 5.03 -2.04
C ALA A 70 6.68 3.53 -1.76
N ARG A 71 5.48 3.00 -1.97
CA ARG A 71 5.21 1.60 -1.65
C ARG A 71 6.08 0.65 -2.45
N SER A 72 6.45 1.04 -3.68
CA SER A 72 7.20 0.16 -4.56
C SER A 72 8.71 0.34 -4.46
N SER A 73 9.18 1.29 -3.66
CA SER A 73 10.61 1.61 -3.63
C SER A 73 11.19 1.71 -2.23
N GLY A 74 10.40 1.93 -1.18
CA GLY A 74 10.93 2.18 0.14
C GLY A 74 11.38 3.60 0.37
N LYS A 75 11.38 4.45 -0.66
CA LYS A 75 11.70 5.87 -0.58
C LYS A 75 10.43 6.67 -0.31
N PRO A 76 10.54 7.89 0.22
CA PRO A 76 9.34 8.70 0.42
C PRO A 76 8.80 9.22 -0.90
N GLY A 77 7.48 9.22 -1.02
CA GLY A 77 6.82 9.83 -2.17
C GLY A 77 6.49 11.29 -1.89
N ILE A 78 6.69 12.13 -2.90
CA ILE A 78 6.54 13.58 -2.76
C ILE A 78 5.49 14.05 -3.75
N CYS A 79 4.41 14.65 -3.23
CA CYS A 79 3.41 15.30 -4.04
C CYS A 79 3.31 16.77 -3.65
N ILE A 80 2.93 17.61 -4.61
CA ILE A 80 2.85 19.05 -4.42
C ILE A 80 1.56 19.55 -5.04
N ALA A 81 0.86 20.43 -4.32
CA ALA A 81 -0.41 20.98 -4.80
C ALA A 81 -0.47 22.46 -4.45
N THR A 82 -1.37 23.17 -5.12
CA THR A 82 -1.63 24.56 -4.78
C THR A 82 -2.56 24.63 -3.59
N SER A 83 -2.90 25.85 -3.18
CA SER A 83 -3.76 26.04 -2.03
C SER A 83 -5.19 25.62 -2.35
N GLY A 84 -6.06 25.68 -1.34
CA GLY A 84 -7.48 25.50 -1.52
C GLY A 84 -7.86 24.18 -2.17
N PRO A 85 -8.43 24.26 -3.38
CA PRO A 85 -8.93 23.04 -4.03
C PRO A 85 -7.85 22.06 -4.41
N GLY A 86 -6.61 22.53 -4.62
CA GLY A 86 -5.52 21.59 -4.82
C GLY A 86 -5.22 20.82 -3.54
N ALA A 87 -5.14 21.54 -2.41
CA ALA A 87 -4.83 20.90 -1.14
C ALA A 87 -5.91 19.91 -0.73
N THR A 88 -7.18 20.28 -0.88
CA THR A 88 -8.26 19.39 -0.45
C THR A 88 -8.32 18.14 -1.31
N ASN A 89 -7.84 18.21 -2.55
CA ASN A 89 -7.78 17.02 -3.40
C ASN A 89 -6.71 16.02 -2.96
N LEU A 90 -5.83 16.39 -2.03
CA LEU A 90 -4.84 15.47 -1.50
C LEU A 90 -5.35 14.61 -0.36
N VAL A 91 -6.53 14.95 0.18
CA VAL A 91 -6.92 14.49 1.51
C VAL A 91 -7.07 12.98 1.57
N SER A 92 -7.69 12.38 0.54
CA SER A 92 -7.86 10.93 0.54
C SER A 92 -6.52 10.21 0.55
N GLY A 93 -5.53 10.75 -0.15
CA GLY A 93 -4.22 10.11 -0.18
C GLY A 93 -3.47 10.26 1.12
N LEU A 94 -3.64 11.41 1.80
CA LEU A 94 -3.02 11.59 3.10
C LEU A 94 -3.58 10.58 4.10
N ALA A 95 -4.90 10.49 4.20
CA ALA A 95 -5.51 9.49 5.09
C ALA A 95 -5.10 8.09 4.69
N ASP A 96 -5.02 7.82 3.39
CA ASP A 96 -4.61 6.49 2.93
C ASP A 96 -3.19 6.17 3.38
N ALA A 97 -2.27 7.12 3.24
CA ALA A 97 -0.89 6.90 3.65
C ALA A 97 -0.74 6.74 5.15
N LEU A 98 -1.58 7.43 5.94
CA LEU A 98 -1.49 7.29 7.39
C LEU A 98 -1.97 5.91 7.84
N LEU A 99 -3.09 5.45 7.29
CA LEU A 99 -3.62 4.16 7.73
C LEU A 99 -2.76 2.99 7.27
N ASP A 100 -2.01 3.15 6.17
CA ASP A 100 -1.14 2.10 5.67
C ASP A 100 0.32 2.32 6.01
N SER A 101 0.65 3.39 6.72
CA SER A 101 2.02 3.66 7.18
C SER A 101 2.99 3.80 6.01
N VAL A 102 2.59 4.63 5.04
CA VAL A 102 3.37 4.87 3.82
C VAL A 102 4.14 6.17 4.01
N PRO A 103 5.45 6.19 3.75
CA PRO A 103 6.22 7.44 3.91
C PRO A 103 5.90 8.42 2.79
N LEU A 104 5.45 9.61 3.17
CA LEU A 104 4.97 10.58 2.19
C LEU A 104 5.24 11.99 2.70
N VAL A 105 5.71 12.85 1.80
CA VAL A 105 5.86 14.28 2.10
C VAL A 105 5.01 15.05 1.10
N ALA A 106 3.97 15.71 1.60
CA ALA A 106 3.08 16.52 0.77
C ALA A 106 3.35 18.00 1.03
N ILE A 107 3.56 18.76 -0.03
CA ILE A 107 3.79 20.19 0.05
C ILE A 107 2.61 20.90 -0.60
N THR A 108 2.02 21.85 0.12
CA THR A 108 0.91 22.64 -0.40
C THR A 108 1.28 24.11 -0.37
N GLY A 109 1.06 24.80 -1.49
CA GLY A 109 1.09 26.25 -1.47
C GLY A 109 -0.04 26.79 -0.61
N GLN A 110 0.17 27.99 -0.09
CA GLN A 110 -0.80 28.64 0.77
C GLN A 110 -0.85 30.11 0.40
N VAL A 111 -1.96 30.77 0.76
CA VAL A 111 -2.11 32.21 0.55
C VAL A 111 -1.04 32.93 1.35
N PRO A 112 -0.73 34.19 1.04
CA PRO A 112 0.26 34.92 1.84
C PRO A 112 -0.10 34.93 3.32
N ARG A 113 0.93 34.95 4.16
CA ARG A 113 0.74 34.82 5.61
C ARG A 113 -0.26 35.83 6.15
N ARG A 114 -0.19 37.09 5.70
CA ARG A 114 -1.10 38.09 6.21
CA ARG A 114 -1.10 38.11 6.19
C ARG A 114 -2.54 37.85 5.79
N MET A 115 -2.77 37.07 4.73
CA MET A 115 -4.13 36.74 4.28
C MET A 115 -4.74 35.58 5.03
N ILE A 116 -3.95 34.83 5.81
CA ILE A 116 -4.44 33.63 6.47
C ILE A 116 -5.50 34.00 7.49
N GLY A 117 -6.64 33.30 7.45
CA GLY A 117 -7.74 33.55 8.35
C GLY A 117 -8.76 34.56 7.85
N THR A 118 -8.56 35.13 6.66
CA THR A 118 -9.43 36.17 6.13
C THR A 118 -10.39 35.67 5.05
N ASP A 119 -10.50 34.34 4.87
CA ASP A 119 -11.29 33.76 3.79
C ASP A 119 -10.79 34.25 2.42
N ALA A 120 -9.46 34.24 2.27
CA ALA A 120 -8.85 34.74 1.06
C ALA A 120 -9.13 33.83 -0.12
N PHE A 121 -8.71 34.28 -1.30
CA PHE A 121 -8.91 33.52 -2.53
C PHE A 121 -8.21 32.18 -2.44
N GLN A 122 -8.98 31.11 -2.61
CA GLN A 122 -8.46 29.74 -2.59
C GLN A 122 -7.73 29.43 -1.28
N GLU A 123 -8.28 29.89 -0.17
CA GLU A 123 -7.72 29.59 1.15
C GLU A 123 -8.46 28.41 1.75
N THR A 124 -7.69 27.45 2.27
CA THR A 124 -8.22 26.34 3.03
C THR A 124 -7.29 26.19 4.22
N PRO A 125 -7.82 26.07 5.45
CA PRO A 125 -6.95 25.80 6.60
C PRO A 125 -6.49 24.35 6.60
N ILE A 126 -5.60 24.02 5.67
CA ILE A 126 -5.30 22.62 5.39
C ILE A 126 -4.55 21.98 6.56
N VAL A 127 -3.80 22.76 7.33
CA VAL A 127 -3.13 22.21 8.50
C VAL A 127 -4.15 21.73 9.52
N GLU A 128 -5.24 22.48 9.69
CA GLU A 128 -6.31 22.06 10.59
C GLU A 128 -7.06 20.86 10.01
N VAL A 129 -7.36 20.90 8.71
CA VAL A 129 -8.10 19.81 8.08
C VAL A 129 -7.37 18.49 8.20
N THR A 130 -6.05 18.50 8.00
CA THR A 130 -5.28 17.27 7.85
C THR A 130 -4.56 16.85 9.13
N ARG A 131 -4.78 17.53 10.25
CA ARG A 131 -4.03 17.21 11.46
C ARG A 131 -4.30 15.77 11.90
N SER A 132 -5.55 15.33 11.80
CA SER A 132 -5.92 13.98 12.26
C SER A 132 -5.67 12.90 11.22
N ILE A 133 -5.28 13.25 10.00
CA ILE A 133 -5.02 12.28 8.95
C ILE A 133 -3.60 12.38 8.41
N THR A 134 -2.69 12.95 9.19
CA THR A 134 -1.27 12.95 8.88
C THR A 134 -0.49 12.57 10.12
N LYS A 135 0.72 12.04 9.92
CA LYS A 135 1.59 11.77 11.05
C LYS A 135 1.99 13.06 11.76
N HIS A 136 2.20 14.12 10.98
CA HIS A 136 2.52 15.45 11.46
C HIS A 136 2.33 16.41 10.29
N ASN A 137 2.15 17.69 10.59
CA ASN A 137 2.11 18.70 9.54
C ASN A 137 2.67 20.01 10.08
N TYR A 138 2.94 20.92 9.15
CA TYR A 138 3.59 22.19 9.46
C TYR A 138 2.91 23.31 8.67
N LEU A 139 2.91 24.50 9.27
CA LEU A 139 2.63 25.75 8.55
C LEU A 139 3.88 26.60 8.66
N VAL A 140 4.59 26.76 7.55
CA VAL A 140 5.83 27.51 7.55
C VAL A 140 5.52 28.99 7.67
N MET A 141 6.04 29.63 8.71
CA MET A 141 5.77 31.03 8.96
C MET A 141 6.98 31.93 8.74
N ASP A 142 8.10 31.38 8.28
CA ASP A 142 9.26 32.20 7.96
C ASP A 142 10.15 31.44 6.99
N VAL A 143 10.71 32.16 6.02
CA VAL A 143 11.56 31.53 5.01
C VAL A 143 12.77 30.86 5.64
N GLU A 144 13.20 31.34 6.81
CA GLU A 144 14.35 30.76 7.49
C GLU A 144 14.09 29.33 7.95
N ASP A 145 12.83 28.95 8.14
CA ASP A 145 12.49 27.62 8.65
C ASP A 145 12.43 26.54 7.58
N ILE A 146 12.51 26.90 6.30
CA ILE A 146 12.33 25.91 5.23
C ILE A 146 13.34 24.77 5.33
N PRO A 147 14.66 25.01 5.45
CA PRO A 147 15.58 23.86 5.55
C PRO A 147 15.26 22.93 6.70
N ARG A 148 15.01 23.49 7.89
CA ARG A 148 14.75 22.65 9.06
C ARG A 148 13.45 21.87 8.91
N ILE A 149 12.38 22.53 8.46
CA ILE A 149 11.07 21.88 8.42
C ILE A 149 11.06 20.79 7.35
N ILE A 150 11.67 21.04 6.19
CA ILE A 150 11.74 20.00 5.16
C ILE A 150 12.53 18.80 5.68
N GLU A 151 13.64 19.06 6.38
CA GLU A 151 14.43 17.95 6.93
C GLU A 151 13.63 17.17 7.97
N GLU A 152 12.91 17.88 8.85
CA GLU A 152 12.09 17.20 9.84
C GLU A 152 10.95 16.42 9.19
N ALA A 153 10.38 16.96 8.11
CA ALA A 153 9.29 16.26 7.43
C ALA A 153 9.75 14.93 6.87
N PHE A 154 10.89 14.93 6.16
CA PHE A 154 11.42 13.69 5.62
C PHE A 154 11.83 12.73 6.74
N PHE A 155 12.41 13.26 7.82
CA PHE A 155 12.80 12.40 8.94
C PHE A 155 11.57 11.76 9.57
N LEU A 156 10.53 12.56 9.82
CA LEU A 156 9.33 12.03 10.46
C LEU A 156 8.59 11.07 9.54
N ALA A 157 8.55 11.37 8.23
CA ALA A 157 7.83 10.51 7.30
C ALA A 157 8.48 9.15 7.17
N THR A 158 9.82 9.07 7.27
CA THR A 158 10.53 7.85 6.96
C THR A 158 11.01 7.08 8.20
N SER A 159 11.14 7.75 9.34
CA SER A 159 11.62 7.07 10.54
C SER A 159 10.45 6.47 11.32
N GLY A 160 10.79 5.62 12.28
CA GLY A 160 9.79 4.98 13.13
C GLY A 160 8.75 4.24 12.31
N ARG A 161 7.48 4.41 12.69
CA ARG A 161 6.38 3.97 11.85
C ARG A 161 6.17 5.02 10.77
N PRO A 162 6.41 4.67 9.50
CA PRO A 162 6.32 5.68 8.44
C PRO A 162 4.91 6.22 8.27
N GLY A 163 4.83 7.40 7.68
CA GLY A 163 3.56 8.06 7.49
C GLY A 163 3.69 9.35 6.70
N PRO A 164 2.55 9.99 6.40
CA PRO A 164 2.59 11.23 5.62
C PRO A 164 2.81 12.45 6.51
N VAL A 165 3.59 13.40 5.99
CA VAL A 165 3.80 14.69 6.61
C VAL A 165 3.46 15.77 5.58
N LEU A 166 2.64 16.73 5.97
CA LEU A 166 2.25 17.82 5.09
C LEU A 166 2.94 19.12 5.51
N VAL A 167 3.43 19.86 4.53
CA VAL A 167 4.14 21.12 4.76
C VAL A 167 3.43 22.20 3.97
N ASP A 168 2.84 23.16 4.68
CA ASP A 168 2.05 24.24 4.10
C ASP A 168 2.94 25.48 4.00
N VAL A 169 3.05 26.03 2.80
CA VAL A 169 4.04 27.05 2.49
C VAL A 169 3.34 28.27 1.90
N PRO A 170 3.18 29.34 2.68
CA PRO A 170 2.54 30.56 2.15
C PRO A 170 3.32 31.16 0.99
N LYS A 171 2.58 31.76 0.04
CA LYS A 171 3.17 32.22 -1.21
C LYS A 171 4.23 33.29 -0.98
N ASP A 172 4.03 34.16 0.02
CA ASP A 172 5.03 35.21 0.26
C ASP A 172 6.34 34.63 0.76
N ILE A 173 6.29 33.50 1.48
CA ILE A 173 7.52 32.83 1.91
C ILE A 173 8.25 32.24 0.71
N GLN A 174 7.51 31.82 -0.33
CA GLN A 174 8.16 31.28 -1.53
C GLN A 174 8.90 32.36 -2.30
N GLN A 175 8.43 33.61 -2.22
CA GLN A 175 9.03 34.71 -2.95
C GLN A 175 10.13 35.41 -2.19
N GLN A 176 10.14 35.31 -0.86
CA GLN A 176 11.11 36.03 -0.05
C GLN A 176 12.53 35.51 -0.32
N LEU A 177 13.46 36.45 -0.45
CA LEU A 177 14.86 36.10 -0.66
C LEU A 177 15.53 35.83 0.68
N ALA A 178 16.39 34.81 0.70
CA ALA A 178 17.10 34.46 1.92
C ALA A 178 18.32 33.62 1.56
N ILE A 179 19.22 33.50 2.53
CA ILE A 179 20.39 32.64 2.44
C ILE A 179 20.13 31.45 3.37
N PRO A 180 19.91 30.25 2.84
CA PRO A 180 19.56 29.12 3.70
C PRO A 180 20.73 28.67 4.56
N ASN A 181 20.40 28.15 5.73
CA ASN A 181 21.34 27.50 6.62
C ASN A 181 20.98 26.01 6.65
N TRP A 182 21.80 25.19 6.04
CA TRP A 182 21.56 23.75 5.96
C TRP A 182 22.08 22.99 7.17
N GLU A 183 22.61 23.68 8.16
CA GLU A 183 23.18 23.06 9.35
C GLU A 183 22.28 23.17 10.57
N GLN A 184 21.07 23.68 10.42
CA GLN A 184 20.16 23.81 11.55
C GLN A 184 19.82 22.44 12.12
N ALA A 185 19.76 22.36 13.44
CA ALA A 185 19.37 21.12 14.10
C ALA A 185 17.85 20.98 14.11
N MET A 186 17.38 19.74 14.03
CA MET A 186 15.96 19.49 14.07
C MET A 186 15.42 19.68 15.48
N ARG A 187 14.18 20.14 15.56
CA ARG A 187 13.50 20.36 16.83
C ARG A 187 12.49 19.25 17.06
N LEU A 188 13.01 18.04 17.27
CA LEU A 188 12.16 16.89 17.59
C LEU A 188 12.68 16.15 18.82
N PRO A 189 12.88 16.86 19.95
CA PRO A 189 13.49 16.19 21.10
C PRO A 189 12.62 15.10 21.70
N GLY A 190 11.32 15.33 21.79
CA GLY A 190 10.44 14.30 22.34
C GLY A 190 10.36 13.08 21.44
N TYR A 191 10.14 13.31 20.14
CA TYR A 191 10.05 12.19 19.19
C TYR A 191 11.34 11.38 19.16
N MET A 192 12.49 12.06 19.12
CA MET A 192 13.75 11.34 19.02
C MET A 192 14.11 10.61 20.30
N SER A 193 13.70 11.13 21.46
CA SER A 193 13.98 10.44 22.72
C SER A 193 13.09 9.23 22.93
N ARG A 194 12.00 9.11 22.18
CA ARG A 194 11.09 7.98 22.29
C ARG A 194 11.22 7.00 21.12
N MET A 195 12.23 7.18 20.27
CA MET A 195 12.44 6.23 19.18
C MET A 195 12.91 4.91 19.74
N PRO A 196 12.35 3.78 19.29
CA PRO A 196 12.70 2.49 19.90
C PRO A 196 14.18 2.19 19.79
N LYS A 197 14.70 1.57 20.83
CA LYS A 197 16.08 1.14 20.92
C LYS A 197 16.25 -0.24 20.30
N PRO A 198 17.47 -0.66 20.00
CA PRO A 198 17.69 -2.04 19.54
C PRO A 198 17.16 -3.02 20.56
N PRO A 199 16.56 -4.13 20.10
CA PRO A 199 15.95 -5.08 21.04
C PRO A 199 16.99 -5.72 21.94
N GLU A 200 16.68 -5.78 23.24
CA GLU A 200 17.58 -6.39 24.20
C GLU A 200 17.57 -7.91 24.06
N ASP A 201 18.73 -8.51 24.35
CA ASP A 201 18.82 -9.96 24.35
C ASP A 201 17.86 -10.58 25.37
N SER A 202 17.56 -9.85 26.44
CA SER A 202 16.60 -10.32 27.44
C SER A 202 15.28 -10.72 26.79
N HIS A 203 14.73 -9.84 25.94
CA HIS A 203 13.45 -10.13 25.30
C HIS A 203 13.59 -11.14 24.17
N LEU A 204 14.71 -11.11 23.44
CA LEU A 204 14.86 -12.01 22.30
C LEU A 204 15.06 -13.45 22.76
N GLU A 205 15.80 -13.65 23.87
CA GLU A 205 15.98 -15.00 24.40
C GLU A 205 14.64 -15.61 24.81
N GLN A 206 13.78 -14.81 25.45
CA GLN A 206 12.49 -15.33 25.91
C GLN A 206 11.62 -15.80 24.74
N ILE A 207 11.72 -15.13 23.59
CA ILE A 207 10.93 -15.52 22.43
C ILE A 207 11.40 -16.86 21.89
N VAL A 208 12.71 -16.99 21.65
CA VAL A 208 13.26 -18.26 21.19
C VAL A 208 12.91 -19.38 22.18
N ARG A 209 12.88 -19.06 23.46
CA ARG A 209 12.47 -20.04 24.47
C ARG A 209 11.02 -20.46 24.26
N LEU A 210 10.12 -19.49 24.04
CA LEU A 210 8.72 -19.82 23.82
C LEU A 210 8.52 -20.62 22.53
N ILE A 211 9.39 -20.43 21.54
CA ILE A 211 9.30 -21.21 20.31
C ILE A 211 9.61 -22.68 20.58
N SER A 212 10.66 -22.95 21.36
CA SER A 212 11.05 -24.33 21.63
C SER A 212 10.03 -25.04 22.50
N GLU A 213 9.26 -24.31 23.31
CA GLU A 213 8.26 -24.91 24.17
C GLU A 213 6.89 -25.05 23.51
N SER A 214 6.72 -24.53 22.30
CA SER A 214 5.44 -24.57 21.61
C SER A 214 5.40 -25.74 20.64
N LYS A 215 4.18 -26.20 20.35
CA LYS A 215 3.97 -27.26 19.37
C LYS A 215 3.19 -26.83 18.14
N LYS A 216 2.46 -25.72 18.22
CA LYS A 216 1.66 -25.21 17.09
C LYS A 216 1.95 -23.73 16.88
N PRO A 217 3.16 -23.38 16.44
CA PRO A 217 3.49 -21.97 16.22
C PRO A 217 3.08 -21.48 14.83
N VAL A 218 2.59 -20.25 14.78
CA VAL A 218 2.19 -19.62 13.53
C VAL A 218 2.81 -18.24 13.45
N LEU A 219 3.51 -17.97 12.36
CA LEU A 219 3.97 -16.62 12.07
C LEU A 219 2.83 -15.80 11.48
N TYR A 220 2.70 -14.56 11.95
CA TYR A 220 1.61 -13.64 11.59
C TYR A 220 2.31 -12.34 11.19
N VAL A 221 2.59 -12.20 9.90
CA VAL A 221 3.45 -11.14 9.39
C VAL A 221 2.63 -10.13 8.61
N GLY A 222 3.03 -8.87 8.69
CA GLY A 222 2.30 -7.80 8.05
C GLY A 222 3.16 -6.74 7.40
N GLY A 223 2.59 -5.54 7.22
CA GLY A 223 3.29 -4.48 6.52
C GLY A 223 4.57 -4.04 7.18
N GLY A 224 4.75 -4.32 8.46
CA GLY A 224 5.97 -3.95 9.15
C GLY A 224 7.19 -4.76 8.74
N CYS A 225 7.01 -5.81 7.95
CA CYS A 225 8.11 -6.70 7.55
C CYS A 225 8.61 -6.42 6.14
N LEU A 226 8.16 -5.34 5.51
CA LEU A 226 8.50 -5.10 4.11
C LEU A 226 10.00 -4.92 3.88
N ASN A 227 10.76 -4.60 4.92
CA ASN A 227 12.21 -4.44 4.80
C ASN A 227 12.96 -5.58 5.48
N SER A 228 12.28 -6.66 5.84
CA SER A 228 12.88 -7.77 6.57
C SER A 228 12.72 -9.09 5.79
N SER A 229 12.71 -9.00 4.46
CA SER A 229 12.50 -10.18 3.63
C SER A 229 13.59 -11.23 3.89
N ASP A 230 14.84 -10.81 3.90
CA ASP A 230 15.95 -11.76 4.11
C ASP A 230 15.92 -12.30 5.53
N GLU A 231 15.74 -11.43 6.52
CA GLU A 231 15.76 -11.87 7.91
C GLU A 231 14.59 -12.81 8.20
N LEU A 232 13.39 -12.48 7.71
CA LEU A 232 12.25 -13.35 7.92
C LEU A 232 12.46 -14.71 7.25
N GLY A 233 13.03 -14.71 6.04
CA GLY A 233 13.30 -15.97 5.36
C GLY A 233 14.28 -16.83 6.11
N ARG A 234 15.36 -16.23 6.63
CA ARG A 234 16.31 -16.95 7.46
C ARG A 234 15.64 -17.45 8.73
N PHE A 235 14.74 -16.65 9.31
CA PHE A 235 14.04 -17.06 10.52
C PHE A 235 13.18 -18.29 10.27
N VAL A 236 12.56 -18.37 9.09
CA VAL A 236 11.71 -19.52 8.79
C VAL A 236 12.55 -20.77 8.55
N GLU A 237 13.74 -20.62 7.97
CA GLU A 237 14.64 -21.76 7.82
C GLU A 237 15.01 -22.35 9.17
N LEU A 238 15.34 -21.49 10.14
CA LEU A 238 15.83 -21.96 11.43
C LEU A 238 14.72 -22.52 12.32
N THR A 239 13.46 -22.19 12.05
CA THR A 239 12.37 -22.61 12.90
C THR A 239 11.37 -23.53 12.21
N GLY A 240 11.19 -23.42 10.90
CA GLY A 240 10.19 -24.21 10.22
C GLY A 240 8.77 -23.85 10.61
N ILE A 241 8.54 -22.60 11.00
CA ILE A 241 7.22 -22.15 11.43
C ILE A 241 6.43 -21.68 10.21
N PRO A 242 5.18 -22.09 10.04
CA PRO A 242 4.40 -21.65 8.88
C PRO A 242 4.06 -20.17 8.97
N VAL A 243 3.96 -19.53 7.81
CA VAL A 243 3.84 -18.08 7.70
C VAL A 243 2.46 -17.72 7.18
N ALA A 244 1.68 -17.01 8.00
CA ALA A 244 0.44 -16.38 7.58
C ALA A 244 0.67 -14.88 7.45
N SER A 245 0.15 -14.29 6.37
CA SER A 245 0.43 -12.91 6.02
C SER A 245 -0.84 -12.09 5.95
N THR A 246 -0.73 -10.81 6.33
CA THR A 246 -1.84 -9.89 6.11
C THR A 246 -1.83 -9.39 4.68
N LEU A 247 -2.89 -8.66 4.32
CA LEU A 247 -2.96 -7.99 3.02
C LEU A 247 -1.73 -7.11 2.80
N MET A 248 -1.34 -6.34 3.83
CA MET A 248 -0.20 -5.44 3.70
C MET A 248 1.13 -6.18 3.70
N GLY A 249 1.20 -7.37 4.27
CA GLY A 249 2.44 -8.10 4.35
C GLY A 249 2.78 -8.98 3.17
N LEU A 250 1.86 -9.11 2.21
CA LEU A 250 2.03 -10.05 1.10
C LEU A 250 3.37 -9.86 0.40
N GLY A 251 4.11 -10.96 0.26
CA GLY A 251 5.39 -10.95 -0.40
C GLY A 251 6.59 -10.85 0.53
N SER A 252 6.38 -10.47 1.79
CA SER A 252 7.47 -10.48 2.76
C SER A 252 8.07 -11.88 2.84
N TYR A 253 7.23 -12.90 2.97
CA TYR A 253 7.59 -14.28 2.75
C TYR A 253 6.99 -14.73 1.43
N PRO A 254 7.76 -15.40 0.55
CA PRO A 254 7.27 -15.79 -0.78
C PRO A 254 5.99 -16.63 -0.73
N CSD A 255 5.02 -16.27 -1.57
CA CSD A 255 3.72 -16.93 -1.56
CB CSD A 255 2.71 -16.14 -2.39
SG CSD A 255 2.22 -14.65 -1.49
C CSD A 255 3.80 -18.36 -2.12
O CSD A 255 3.08 -19.26 -1.63
OD1 CSD A 255 1.76 -14.74 -0.10
OD2 CSD A 255 2.28 -13.18 -2.24
N ASP A 256 4.65 -18.56 -3.11
CA ASP A 256 4.78 -19.86 -3.76
C ASP A 256 5.76 -20.75 -3.00
N ASP A 257 5.76 -20.63 -1.68
CA ASP A 257 6.67 -21.36 -0.81
C ASP A 257 5.91 -22.43 -0.04
N GLU A 258 6.65 -23.46 0.37
CA GLU A 258 6.05 -24.63 1.01
C GLU A 258 5.45 -24.29 2.37
N LEU A 259 6.09 -23.40 3.11
CA LEU A 259 5.63 -23.02 4.44
C LEU A 259 4.62 -21.88 4.42
N SER A 260 4.25 -21.39 3.24
CA SER A 260 3.35 -20.24 3.14
C SER A 260 1.91 -20.66 3.34
N LEU A 261 1.26 -20.12 4.36
CA LEU A 261 -0.17 -20.26 4.56
C LEU A 261 -0.97 -19.23 3.79
N HIS A 262 -0.30 -18.34 3.06
CA HIS A 262 -0.93 -17.24 2.33
C HIS A 262 -1.69 -16.33 3.29
N MET A 263 -2.68 -15.60 2.77
CA MET A 263 -3.31 -14.54 3.56
C MET A 263 -4.28 -15.11 4.58
N LEU A 264 -4.34 -14.47 5.75
CA LEU A 264 -5.34 -14.75 6.75
C LEU A 264 -6.35 -13.60 6.81
N GLY A 265 -7.44 -13.84 7.51
CA GLY A 265 -8.42 -12.80 7.78
C GLY A 265 -9.77 -13.06 7.14
N MET A 266 -10.52 -11.97 6.95
CA MET A 266 -11.89 -12.06 6.45
C MET A 266 -11.97 -12.83 5.14
N HIS A 267 -11.04 -12.59 4.22
CA HIS A 267 -10.95 -13.34 2.97
C HIS A 267 -9.65 -14.12 2.90
N GLY A 268 -9.10 -14.49 4.05
CA GLY A 268 -7.93 -15.34 4.08
C GLY A 268 -8.28 -16.79 3.84
N THR A 269 -7.25 -17.59 3.54
CA THR A 269 -7.46 -19.00 3.27
C THR A 269 -7.96 -19.71 4.52
N VAL A 270 -8.70 -20.80 4.31
CA VAL A 270 -9.23 -21.57 5.44
C VAL A 270 -8.09 -22.08 6.31
N TYR A 271 -6.99 -22.52 5.69
CA TYR A 271 -5.91 -23.11 6.46
C TYR A 271 -5.09 -22.08 7.22
N ALA A 272 -4.95 -20.86 6.68
CA ALA A 272 -4.28 -19.81 7.44
C ALA A 272 -5.07 -19.43 8.67
N ASN A 273 -6.37 -19.19 8.50
CA ASN A 273 -7.22 -18.89 9.66
C ASN A 273 -7.33 -20.07 10.60
N TYR A 274 -7.28 -21.29 10.08
CA TYR A 274 -7.24 -22.48 10.93
C TYR A 274 -5.99 -22.49 11.79
N ALA A 275 -4.83 -22.27 11.17
CA ALA A 275 -3.56 -22.27 11.90
C ALA A 275 -3.58 -21.30 13.07
N VAL A 276 -4.03 -20.06 12.82
CA VAL A 276 -4.10 -19.07 13.89
C VAL A 276 -5.11 -19.48 14.95
N GLU A 277 -6.23 -20.07 14.51
CA GLU A 277 -7.28 -20.44 15.45
C GLU A 277 -6.79 -21.47 16.47
N HIS A 278 -5.99 -22.43 16.02
CA HIS A 278 -5.55 -23.54 16.87
C HIS A 278 -4.09 -23.42 17.28
N SER A 279 -3.45 -22.29 17.03
CA SER A 279 -2.05 -22.13 17.41
C SER A 279 -1.91 -21.98 18.92
N ASP A 280 -0.75 -22.40 19.43
CA ASP A 280 -0.39 -22.14 20.82
C ASP A 280 0.64 -21.02 20.93
N LEU A 281 1.30 -20.64 19.84
CA LEU A 281 2.25 -19.54 19.83
C LEU A 281 2.03 -18.71 18.57
N LEU A 282 1.63 -17.45 18.74
CA LEU A 282 1.39 -16.55 17.63
C LEU A 282 2.50 -15.51 17.59
N LEU A 283 3.35 -15.58 16.57
CA LEU A 283 4.43 -14.61 16.39
C LEU A 283 3.92 -13.49 15.50
N ALA A 284 3.46 -12.40 16.12
CA ALA A 284 2.82 -11.29 15.41
C ALA A 284 3.87 -10.23 15.10
N PHE A 285 4.46 -10.31 13.91
CA PHE A 285 5.59 -9.48 13.52
C PHE A 285 5.13 -8.43 12.51
N GLY A 286 5.11 -7.17 12.95
CA GLY A 286 4.78 -6.08 12.06
C GLY A 286 3.31 -6.01 11.67
N VAL A 287 2.41 -6.20 12.63
CA VAL A 287 0.98 -6.26 12.38
C VAL A 287 0.28 -5.40 13.42
N ARG A 288 -0.99 -5.07 13.15
CA ARG A 288 -1.73 -4.19 14.04
C ARG A 288 -3.09 -4.76 14.45
N PHE A 289 -3.31 -6.06 14.22
CA PHE A 289 -4.49 -6.78 14.72
C PHE A 289 -5.79 -6.09 14.33
N ASP A 290 -5.90 -5.71 13.05
CA ASP A 290 -7.09 -4.99 12.61
C ASP A 290 -8.28 -5.95 12.50
N ASP A 291 -9.48 -5.36 12.39
CA ASP A 291 -10.70 -6.15 12.50
C ASP A 291 -10.91 -7.08 11.30
N ARG A 292 -10.37 -6.73 10.13
CA ARG A 292 -10.45 -7.63 8.99
C ARG A 292 -9.73 -8.94 9.27
N VAL A 293 -8.62 -8.88 10.01
CA VAL A 293 -7.84 -10.08 10.28
C VAL A 293 -8.43 -10.86 11.45
N THR A 294 -8.75 -10.17 12.55
CA THR A 294 -9.08 -10.86 13.79
C THR A 294 -10.54 -11.29 13.87
N GLY A 295 -11.45 -10.53 13.28
CA GLY A 295 -12.86 -10.77 13.54
C GLY A 295 -13.17 -10.44 14.99
N LYS A 296 -13.85 -11.36 15.67
CA LYS A 296 -14.10 -11.21 17.10
C LYS A 296 -12.79 -11.37 17.85
N LEU A 297 -12.36 -10.31 18.55
CA LEU A 297 -11.04 -10.29 19.16
C LEU A 297 -10.89 -11.39 20.21
N GLU A 298 -11.93 -11.65 20.99
CA GLU A 298 -11.84 -12.65 22.05
C GLU A 298 -11.62 -14.05 21.48
N ALA A 299 -12.10 -14.30 20.27
CA ALA A 299 -11.94 -15.61 19.63
C ALA A 299 -10.68 -15.72 18.79
N PHE A 300 -10.00 -14.61 18.51
CA PHE A 300 -8.82 -14.64 17.66
C PHE A 300 -7.63 -15.18 18.45
N ALA A 301 -7.05 -16.28 17.96
CA ALA A 301 -5.93 -16.96 18.62
C ALA A 301 -6.21 -17.14 20.11
N SER A 302 -7.36 -17.73 20.40
CA SER A 302 -7.87 -17.80 21.76
C SER A 302 -7.02 -18.67 22.68
N ARG A 303 -6.25 -19.59 22.13
CA ARG A 303 -5.43 -20.50 22.92
C ARG A 303 -3.96 -20.41 22.52
N ALA A 304 -3.47 -19.18 22.32
CA ALA A 304 -2.11 -18.96 21.85
C ALA A 304 -1.39 -17.99 22.77
N LYS A 305 -0.09 -18.22 22.97
CA LYS A 305 0.79 -17.24 23.57
C LYS A 305 1.20 -16.24 22.49
N ILE A 306 0.86 -14.97 22.69
CA ILE A 306 0.95 -13.97 21.63
C ILE A 306 2.20 -13.13 21.84
N VAL A 307 3.12 -13.22 20.87
CA VAL A 307 4.33 -12.41 20.84
C VAL A 307 4.13 -11.32 19.79
N HIS A 308 4.18 -10.06 20.20
CA HIS A 308 3.90 -8.93 19.32
C HIS A 308 5.14 -8.04 19.26
N ILE A 309 5.76 -7.96 18.09
CA ILE A 309 6.90 -7.10 17.84
C ILE A 309 6.44 -5.96 16.93
N ASP A 310 6.46 -4.74 17.45
CA ASP A 310 5.97 -3.58 16.72
C ASP A 310 6.84 -2.38 17.04
N ILE A 311 7.10 -1.54 16.03
CA ILE A 311 7.90 -0.34 16.23
C ILE A 311 7.13 0.79 16.86
N ASP A 312 5.81 0.66 16.95
CA ASP A 312 4.94 1.68 17.53
C ASP A 312 4.41 1.16 18.86
N SER A 313 4.88 1.77 19.96
CA SER A 313 4.47 1.32 21.29
C SER A 313 2.96 1.41 21.48
N ALA A 314 2.30 2.31 20.74
CA ALA A 314 0.86 2.49 20.89
C ALA A 314 0.07 1.31 20.31
N GLU A 315 0.67 0.53 19.42
CA GLU A 315 -0.03 -0.62 18.85
C GLU A 315 0.02 -1.85 19.74
N ILE A 316 1.01 -1.94 20.62
CA ILE A 316 1.20 -3.13 21.44
C ILE A 316 0.12 -3.12 22.52
N GLY A 317 -0.79 -4.10 22.45
CA GLY A 317 -1.90 -4.17 23.38
C GLY A 317 -3.06 -3.25 23.06
N LYS A 318 -3.17 -2.77 21.82
CA LYS A 318 -4.25 -1.84 21.49
C LYS A 318 -5.58 -2.58 21.35
N ASN A 319 -5.57 -3.71 20.63
CA ASN A 319 -6.76 -4.53 20.44
C ASN A 319 -6.62 -5.90 21.09
N LYS A 320 -5.51 -6.58 20.84
CA LYS A 320 -5.22 -7.87 21.44
C LYS A 320 -4.09 -7.70 22.43
N THR A 321 -4.23 -8.30 23.62
CA THR A 321 -3.25 -8.15 24.68
C THR A 321 -2.21 -9.26 24.59
N PRO A 322 -0.95 -8.95 24.32
CA PRO A 322 0.05 -10.01 24.15
C PRO A 322 0.59 -10.50 25.49
N HIS A 323 1.23 -11.67 25.44
CA HIS A 323 1.96 -12.18 26.59
C HIS A 323 3.36 -11.61 26.63
N VAL A 324 4.06 -11.63 25.50
CA VAL A 324 5.39 -11.07 25.36
C VAL A 324 5.35 -9.99 24.28
N SER A 325 6.06 -8.90 24.52
CA SER A 325 6.05 -7.77 23.60
C SER A 325 7.45 -7.20 23.46
N VAL A 326 7.78 -6.78 22.25
CA VAL A 326 9.04 -6.10 21.96
C VAL A 326 8.72 -4.87 21.12
N CYS A 327 9.04 -3.70 21.64
CA CYS A 327 8.86 -2.45 20.90
C CYS A 327 10.18 -2.12 20.20
N GLY A 328 10.24 -2.41 18.91
CA GLY A 328 11.45 -2.14 18.15
C GLY A 328 11.28 -2.53 16.71
N ASP A 329 12.36 -2.33 15.95
CA ASP A 329 12.39 -2.69 14.54
C ASP A 329 12.44 -4.21 14.39
N VAL A 330 11.43 -4.78 13.72
CA VAL A 330 11.36 -6.23 13.57
C VAL A 330 12.53 -6.76 12.77
N LYS A 331 13.15 -5.92 11.93
CA LYS A 331 14.36 -6.33 11.23
C LYS A 331 15.47 -6.69 12.21
N LEU A 332 15.67 -5.85 13.23
CA LEU A 332 16.71 -6.11 14.23
C LEU A 332 16.34 -7.29 15.12
N ALA A 333 15.06 -7.39 15.49
CA ALA A 333 14.63 -8.51 16.33
C ALA A 333 14.84 -9.85 15.61
N LEU A 334 14.56 -9.90 14.31
CA LEU A 334 14.80 -11.11 13.55
C LEU A 334 16.29 -11.44 13.48
N GLN A 335 17.13 -10.42 13.28
CA GLN A 335 18.57 -10.65 13.25
C GLN A 335 19.08 -11.21 14.58
N GLY A 336 18.62 -10.63 15.68
CA GLY A 336 19.04 -11.12 16.98
C GLY A 336 18.55 -12.52 17.26
N MET A 337 17.29 -12.81 16.92
CA MET A 337 16.76 -14.15 17.13
C MET A 337 17.42 -15.17 16.20
N ASN A 338 17.81 -14.76 15.00
CA ASN A 338 18.48 -15.69 14.09
C ASN A 338 19.83 -16.13 14.63
N LYS A 339 20.56 -15.23 15.29
CA LYS A 339 21.82 -15.60 15.90
C LYS A 339 21.61 -16.64 17.00
N VAL A 340 20.65 -16.39 17.89
CA VAL A 340 20.35 -17.33 18.96
C VAL A 340 19.91 -18.68 18.40
N LEU A 341 19.04 -18.66 17.38
CA LEU A 341 18.57 -19.90 16.80
C LEU A 341 19.70 -20.66 16.11
N GLU A 342 20.63 -19.95 15.49
CA GLU A 342 21.72 -20.63 14.79
C GLU A 342 22.72 -21.24 15.76
N ASN A 343 23.00 -20.55 16.88
CA ASN A 343 23.95 -21.08 17.86
C ASN A 343 23.39 -22.30 18.58
N ARG A 344 22.22 -22.15 19.18
CA ARG A 344 21.55 -23.22 19.91
C ARG A 344 20.79 -24.17 18.98
N ALA A 345 21.23 -24.32 17.73
CA ALA A 345 20.51 -25.17 16.78
C ALA A 345 20.42 -26.61 17.29
N GLU A 346 21.58 -27.26 17.48
CA GLU A 346 21.58 -28.64 17.98
C GLU A 346 21.00 -28.75 19.38
N GLU A 347 21.02 -27.68 20.16
CA GLU A 347 20.46 -27.72 21.51
C GLU A 347 18.95 -27.62 21.50
N LEU A 348 18.38 -26.76 20.64
CA LEU A 348 16.94 -26.54 20.64
C LEU A 348 16.18 -27.69 19.99
N LYS A 349 16.71 -28.23 18.89
CA LYS A 349 16.06 -29.32 18.14
C LYS A 349 14.60 -28.97 17.84
N LEU A 350 14.44 -27.95 17.00
CA LEU A 350 13.11 -27.49 16.61
C LEU A 350 12.58 -28.36 15.49
N ASP A 351 11.38 -28.90 15.67
CA ASP A 351 10.72 -29.67 14.62
C ASP A 351 9.21 -29.55 14.83
N PHE A 352 8.54 -28.86 13.90
CA PHE A 352 7.10 -28.70 13.93
C PHE A 352 6.42 -29.47 12.79
N GLY A 353 7.07 -30.54 12.31
CA GLY A 353 6.52 -31.31 11.20
C GLY A 353 5.15 -31.88 11.51
N VAL A 354 4.85 -32.14 12.78
CA VAL A 354 3.52 -32.62 13.15
C VAL A 354 2.49 -31.52 12.95
N TRP A 355 2.82 -30.29 13.36
CA TRP A 355 1.92 -29.16 13.16
C TRP A 355 1.79 -28.82 11.68
N ARG A 356 2.91 -28.78 10.96
CA ARG A 356 2.87 -28.48 9.53
C ARG A 356 2.04 -29.51 8.78
N ASN A 357 2.11 -30.78 9.20
CA ASN A 357 1.33 -31.82 8.53
C ASN A 357 -0.15 -31.66 8.82
N GLU A 358 -0.50 -31.26 10.05
CA GLU A 358 -1.90 -30.98 10.37
C GLU A 358 -2.44 -29.83 9.53
N LEU A 359 -1.60 -28.83 9.23
CA LEU A 359 -2.03 -27.71 8.41
C LEU A 359 -2.11 -28.08 6.94
N ASN A 360 -1.13 -28.85 6.44
CA ASN A 360 -1.16 -29.28 5.04
C ASN A 360 -2.35 -30.19 4.75
N VAL A 361 -2.94 -30.81 5.77
CA VAL A 361 -4.19 -31.53 5.58
C VAL A 361 -5.33 -30.56 5.31
N GLN A 362 -5.41 -29.49 6.10
CA GLN A 362 -6.38 -28.44 5.82
C GLN A 362 -6.10 -27.76 4.49
N LYS A 363 -4.83 -27.64 4.12
CA LYS A 363 -4.46 -26.98 2.86
C LYS A 363 -4.98 -27.77 1.66
N GLN A 364 -5.05 -29.09 1.76
CA GLN A 364 -5.54 -29.91 0.66
C GLN A 364 -7.04 -30.13 0.70
N LYS A 365 -7.64 -30.08 1.89
CA LYS A 365 -9.09 -30.22 1.98
C LYS A 365 -9.82 -28.93 1.60
N PHE A 366 -9.25 -27.78 1.95
CA PHE A 366 -9.90 -26.49 1.71
C PHE A 366 -8.93 -25.52 1.05
N PRO A 367 -8.56 -25.76 -0.21
CA PRO A 367 -7.73 -24.79 -0.93
C PRO A 367 -8.59 -23.69 -1.55
N LEU A 368 -7.92 -22.66 -2.05
CA LEU A 368 -8.62 -21.62 -2.81
C LEU A 368 -9.17 -22.21 -4.10
N SER A 369 -10.45 -21.95 -4.35
CA SER A 369 -11.13 -22.58 -5.48
C SER A 369 -11.97 -21.56 -6.22
N PHE A 370 -12.11 -21.78 -7.53
CA PHE A 370 -12.98 -20.97 -8.37
C PHE A 370 -13.62 -21.87 -9.42
N LYS A 371 -14.75 -21.42 -9.94
CA LYS A 371 -15.56 -22.21 -10.87
C LYS A 371 -15.52 -21.56 -12.25
N THR A 372 -15.43 -22.39 -13.29
CA THR A 372 -15.42 -21.95 -14.67
C THR A 372 -16.77 -22.26 -15.30
N PHE A 373 -17.46 -21.24 -15.80
CA PHE A 373 -18.79 -21.38 -16.38
C PHE A 373 -18.70 -21.20 -17.89
N GLY A 374 -18.81 -22.30 -18.62
CA GLY A 374 -18.77 -22.21 -20.08
C GLY A 374 -17.48 -21.59 -20.57
N GLU A 375 -17.61 -20.57 -21.41
CA GLU A 375 -16.46 -19.84 -21.91
C GLU A 375 -16.26 -18.50 -21.20
N ALA A 376 -17.07 -18.20 -20.19
CA ALA A 376 -16.88 -16.98 -19.42
C ALA A 376 -15.55 -17.00 -18.70
N ILE A 377 -14.94 -15.83 -18.54
CA ILE A 377 -13.61 -15.69 -17.98
C ILE A 377 -13.75 -15.61 -16.46
N PRO A 378 -13.21 -16.57 -15.70
CA PRO A 378 -13.12 -16.39 -14.25
C PRO A 378 -12.07 -15.35 -13.92
N PRO A 379 -12.42 -14.34 -13.10
CA PRO A 379 -11.39 -13.35 -12.73
C PRO A 379 -10.21 -13.97 -12.02
N GLN A 380 -10.45 -14.96 -11.17
CA GLN A 380 -9.36 -15.66 -10.49
C GLN A 380 -8.41 -16.28 -11.51
N TYR A 381 -8.95 -16.85 -12.59
CA TYR A 381 -8.11 -17.48 -13.61
C TYR A 381 -7.28 -16.44 -14.35
N ALA A 382 -7.86 -15.27 -14.64
CA ALA A 382 -7.12 -14.23 -15.34
C ALA A 382 -5.89 -13.81 -14.56
N ILE A 383 -6.00 -13.71 -13.23
CA ILE A 383 -4.87 -13.31 -12.42
C ILE A 383 -3.82 -14.43 -12.37
N LYS A 384 -4.26 -15.69 -12.33
CA LYS A 384 -3.31 -16.79 -12.36
C LYS A 384 -2.52 -16.79 -13.67
N VAL A 385 -3.18 -16.51 -14.79
CA VAL A 385 -2.48 -16.44 -16.07
C VAL A 385 -1.47 -15.29 -16.07
N LEU A 386 -1.87 -14.13 -15.53
CA LEU A 386 -0.93 -13.02 -15.43
C LEU A 386 0.27 -13.39 -14.58
N ASP A 387 0.04 -14.08 -13.46
CA ASP A 387 1.13 -14.58 -12.64
C ASP A 387 2.08 -15.47 -13.45
N GLU A 388 1.51 -16.39 -14.22
CA GLU A 388 2.35 -17.30 -15.02
C GLU A 388 3.12 -16.54 -16.08
N LEU A 389 2.43 -15.71 -16.88
CA LEU A 389 3.09 -15.05 -18.00
C LEU A 389 4.09 -13.99 -17.56
N THR A 390 3.98 -13.48 -16.33
CA THR A 390 4.97 -12.55 -15.80
C THR A 390 5.95 -13.22 -14.85
N ASP A 391 5.81 -14.53 -14.62
CA ASP A 391 6.71 -15.29 -13.75
C ASP A 391 6.71 -14.75 -12.33
N GLY A 392 5.57 -14.21 -11.89
CA GLY A 392 5.44 -13.70 -10.53
C GLY A 392 6.36 -12.56 -10.19
N LYS A 393 6.90 -11.86 -11.19
CA LYS A 393 7.87 -10.80 -10.99
C LYS A 393 7.31 -9.42 -11.27
N ALA A 394 6.01 -9.31 -11.49
CA ALA A 394 5.42 -8.01 -11.81
C ALA A 394 5.09 -7.24 -10.54
N ILE A 395 5.21 -5.91 -10.64
CA ILE A 395 4.65 -5.03 -9.62
C ILE A 395 3.15 -4.90 -9.88
N ILE A 396 2.34 -5.19 -8.87
CA ILE A 396 0.89 -5.22 -8.99
C ILE A 396 0.30 -4.13 -8.11
N SER A 397 -0.47 -3.24 -8.73
CA SER A 397 -1.32 -2.31 -8.00
C SER A 397 -2.77 -2.67 -8.27
N THR A 398 -3.66 -2.29 -7.36
CA THR A 398 -5.07 -2.63 -7.49
C THR A 398 -5.94 -1.47 -7.06
N GLY A 399 -7.20 -1.52 -7.49
CA GLY A 399 -8.26 -0.75 -6.86
C GLY A 399 -8.71 -1.43 -5.58
N VAL A 400 -9.97 -1.23 -5.24
CA VAL A 400 -10.53 -1.79 -4.02
C VAL A 400 -11.82 -2.52 -4.36
N GLY A 401 -11.98 -3.73 -3.81
CA GLY A 401 -13.16 -4.53 -4.06
C GLY A 401 -12.84 -5.98 -4.29
N GLN A 402 -13.69 -6.67 -5.06
CA GLN A 402 -13.47 -8.10 -5.31
C GLN A 402 -12.17 -8.35 -6.06
N HIS A 403 -11.93 -7.57 -7.12
CA HIS A 403 -10.70 -7.74 -7.90
C HIS A 403 -9.47 -7.58 -7.03
N GLN A 404 -9.53 -6.69 -6.03
CA GLN A 404 -8.42 -6.53 -5.11
C GLN A 404 -8.15 -7.81 -4.33
N MET A 405 -9.21 -8.46 -3.84
CA MET A 405 -9.05 -9.70 -3.10
C MET A 405 -8.50 -10.80 -4.01
N TRP A 406 -9.03 -10.91 -5.22
CA TRP A 406 -8.54 -11.93 -6.15
C TRP A 406 -7.09 -11.66 -6.55
N ALA A 407 -6.71 -10.39 -6.68
CA ALA A 407 -5.33 -10.06 -6.96
C ALA A 407 -4.42 -10.45 -5.80
N ALA A 408 -4.93 -10.42 -4.57
CA ALA A 408 -4.16 -10.85 -3.41
C ALA A 408 -4.11 -12.37 -3.32
N GLN A 409 -5.22 -13.04 -3.65
CA GLN A 409 -5.30 -14.48 -3.47
C GLN A 409 -4.55 -15.26 -4.55
N PHE A 410 -4.65 -14.82 -5.80
CA PHE A 410 -4.25 -15.66 -6.94
C PHE A 410 -3.01 -15.15 -7.65
N TYR A 411 -2.20 -14.31 -7.01
CA TYR A 411 -0.90 -13.93 -7.53
C TYR A 411 0.14 -14.24 -6.45
N ASN A 412 1.21 -14.93 -6.84
CA ASN A 412 2.25 -15.35 -5.92
C ASN A 412 3.36 -14.32 -5.93
N TYR A 413 3.26 -13.34 -5.04
CA TYR A 413 4.29 -12.32 -4.92
C TYR A 413 5.51 -12.92 -4.26
N LYS A 414 6.66 -12.76 -4.92
CA LYS A 414 7.90 -13.36 -4.45
C LYS A 414 8.68 -12.44 -3.52
N LYS A 415 8.49 -11.14 -3.66
CA LYS A 415 9.19 -10.14 -2.86
C LYS A 415 8.20 -9.10 -2.37
N PRO A 416 8.48 -8.45 -1.24
CA PRO A 416 7.66 -7.31 -0.83
C PRO A 416 7.86 -6.17 -1.81
N ARG A 417 6.91 -5.23 -1.81
CA ARG A 417 6.86 -4.06 -2.67
C ARG A 417 6.54 -4.42 -4.12
N GLN A 418 6.17 -5.66 -4.40
CA GLN A 418 5.42 -5.98 -5.61
C GLN A 418 3.93 -5.74 -5.44
N TRP A 419 3.45 -5.74 -4.20
CA TRP A 419 2.04 -5.63 -3.88
C TRP A 419 1.77 -4.21 -3.39
N LEU A 420 1.03 -3.44 -4.19
CA LEU A 420 0.67 -2.06 -3.86
C LEU A 420 -0.84 -1.98 -3.84
N SER A 421 -1.42 -1.95 -2.64
CA SER A 421 -2.87 -1.98 -2.50
C SER A 421 -3.28 -1.19 -1.27
N SER A 422 -4.41 -0.50 -1.36
CA SER A 422 -4.92 0.30 -0.25
C SER A 422 -5.68 -0.60 0.71
N GLY A 423 -5.11 -0.86 1.88
CA GLY A 423 -5.67 -1.83 2.80
C GLY A 423 -6.48 -1.26 3.95
N GLY A 424 -5.94 -0.25 4.63
CA GLY A 424 -6.59 0.30 5.80
C GLY A 424 -7.76 1.21 5.48
N LEU A 425 -7.52 2.20 4.63
CA LEU A 425 -8.61 3.06 4.16
C LEU A 425 -9.40 2.38 3.05
N GLY A 426 -8.72 1.63 2.18
CA GLY A 426 -9.37 0.96 1.07
C GLY A 426 -9.99 1.90 0.08
N ALA A 427 -9.16 2.75 -0.54
CA ALA A 427 -9.64 3.83 -1.39
C ALA A 427 -9.69 3.37 -2.85
N MET A 428 -10.90 3.30 -3.41
CA MET A 428 -11.04 3.09 -4.84
C MET A 428 -10.33 4.19 -5.61
N GLY A 429 -9.89 3.86 -6.83
CA GLY A 429 -9.15 4.79 -7.64
C GLY A 429 -7.66 4.85 -7.36
N PHE A 430 -7.18 3.97 -6.47
CA PHE A 430 -5.77 3.96 -6.10
C PHE A 430 -4.92 3.31 -7.19
N GLY A 431 -5.47 2.31 -7.88
CA GLY A 431 -4.64 1.40 -8.67
C GLY A 431 -3.92 2.09 -9.82
N LEU A 432 -4.64 2.87 -10.63
CA LEU A 432 -4.01 3.46 -11.80
C LEU A 432 -2.94 4.48 -11.43
N PRO A 433 -3.20 5.49 -10.57
CA PRO A 433 -2.10 6.41 -10.22
C PRO A 433 -0.99 5.74 -9.43
N ALA A 434 -1.29 4.72 -8.62
CA ALA A 434 -0.22 4.01 -7.91
C ALA A 434 0.70 3.31 -8.89
N ALA A 435 0.15 2.74 -9.97
CA ALA A 435 0.99 2.13 -11.00
C ALA A 435 1.87 3.16 -11.67
N ILE A 436 1.36 4.40 -11.84
CA ILE A 436 2.17 5.48 -12.39
C ILE A 436 3.41 5.70 -11.53
N GLY A 437 3.21 5.82 -10.22
CA GLY A 437 4.33 6.07 -9.33
C GLY A 437 5.29 4.90 -9.26
N ALA A 438 4.76 3.67 -9.28
CA ALA A 438 5.61 2.48 -9.24
C ALA A 438 6.46 2.38 -10.50
N SER A 439 5.88 2.71 -11.66
CA SER A 439 6.63 2.63 -12.90
C SER A 439 7.72 3.69 -12.96
N VAL A 440 7.43 4.91 -12.50
CA VAL A 440 8.46 5.95 -12.47
C VAL A 440 9.60 5.53 -11.53
N ALA A 441 9.26 4.90 -10.41
CA ALA A 441 10.28 4.45 -9.46
C ALA A 441 11.01 3.20 -9.95
N ASN A 442 10.36 2.37 -10.76
CA ASN A 442 10.93 1.12 -11.26
C ASN A 442 10.73 1.05 -12.77
N PRO A 443 11.50 1.83 -13.54
CA PRO A 443 11.22 1.98 -14.97
C PRO A 443 11.50 0.72 -15.79
N ASP A 444 12.20 -0.27 -15.24
CA ASP A 444 12.49 -1.51 -15.96
C ASP A 444 11.59 -2.66 -15.52
N ALA A 445 10.62 -2.40 -14.65
CA ALA A 445 9.79 -3.46 -14.11
C ALA A 445 8.52 -3.62 -14.93
N ILE A 446 7.92 -4.80 -14.82
CA ILE A 446 6.56 -5.01 -15.32
C ILE A 446 5.60 -4.49 -14.27
N VAL A 447 4.81 -3.49 -14.64
CA VAL A 447 3.85 -2.86 -13.72
C VAL A 447 2.46 -3.08 -14.28
N VAL A 448 1.60 -3.73 -13.49
CA VAL A 448 0.24 -4.05 -13.91
C VAL A 448 -0.72 -3.53 -12.86
N ASP A 449 -1.68 -2.72 -13.30
CA ASP A 449 -2.78 -2.28 -12.45
C ASP A 449 -3.94 -3.25 -12.64
N ILE A 450 -4.18 -4.11 -11.66
CA ILE A 450 -5.33 -5.00 -11.66
C ILE A 450 -6.48 -4.22 -11.03
N ASP A 451 -7.35 -3.67 -11.87
CA ASP A 451 -8.34 -2.69 -11.46
C ASP A 451 -9.75 -3.22 -11.69
N GLY A 452 -10.70 -2.64 -10.96
CA GLY A 452 -12.11 -2.89 -11.19
C GLY A 452 -12.73 -1.76 -11.97
N ASP A 453 -13.90 -2.01 -12.55
CA ASP A 453 -14.49 -1.00 -13.44
C ASP A 453 -14.96 0.22 -12.66
N GLY A 454 -15.43 0.04 -11.42
CA GLY A 454 -15.77 1.19 -10.61
C GLY A 454 -14.54 1.95 -10.17
N SER A 455 -13.52 1.24 -9.69
CA SER A 455 -12.30 1.90 -9.23
C SER A 455 -11.54 2.55 -10.38
N PHE A 456 -11.49 1.89 -11.54
CA PHE A 456 -10.69 2.39 -12.65
C PHE A 456 -11.23 3.72 -13.16
N ILE A 457 -12.56 3.88 -13.21
CA ILE A 457 -13.12 5.10 -13.78
C ILE A 457 -12.96 6.30 -12.86
N MET A 458 -12.74 6.08 -11.56
CA MET A 458 -12.65 7.19 -10.62
C MET A 458 -11.48 8.12 -10.95
N ASN A 459 -10.34 7.55 -11.34
CA ASN A 459 -9.17 8.32 -11.70
C ASN A 459 -8.73 8.00 -13.12
N VAL A 460 -9.71 7.80 -14.00
CA VAL A 460 -9.42 7.47 -15.39
C VAL A 460 -8.63 8.58 -16.07
N GLN A 461 -8.71 9.80 -15.54
CA GLN A 461 -7.99 10.92 -16.15
C GLN A 461 -6.49 10.72 -16.16
N GLU A 462 -5.96 9.82 -15.31
CA GLU A 462 -4.52 9.61 -15.28
C GLU A 462 -4.00 8.78 -16.46
N LEU A 463 -4.89 8.31 -17.33
CA LEU A 463 -4.42 7.71 -18.59
C LEU A 463 -3.63 8.72 -19.41
N ALA A 464 -4.07 9.99 -19.39
CA ALA A 464 -3.32 11.05 -20.05
C ALA A 464 -1.92 11.17 -19.47
N THR A 465 -1.80 11.06 -18.14
CA THR A 465 -0.48 11.10 -17.51
C THR A 465 0.39 9.95 -18.02
N ILE A 466 -0.18 8.76 -18.13
CA ILE A 466 0.58 7.58 -18.54
C ILE A 466 1.14 7.77 -19.95
N ARG A 467 0.28 8.22 -20.88
CA ARG A 467 0.75 8.42 -22.25
C ARG A 467 1.80 9.51 -22.31
N VAL A 468 1.52 10.67 -21.73
CA VAL A 468 2.44 11.81 -21.83
C VAL A 468 3.80 11.46 -21.25
N GLU A 469 3.81 10.73 -20.13
CA GLU A 469 5.06 10.32 -19.51
C GLU A 469 5.63 9.04 -20.12
N ASN A 470 4.93 8.45 -21.10
CA ASN A 470 5.38 7.25 -21.81
C ASN A 470 5.81 6.15 -20.84
N LEU A 471 4.91 5.86 -19.90
CA LEU A 471 5.12 4.84 -18.87
C LEU A 471 4.52 3.51 -19.34
N PRO A 472 5.27 2.41 -19.24
CA PRO A 472 4.75 1.09 -19.70
C PRO A 472 3.79 0.46 -18.70
N VAL A 473 2.72 1.19 -18.38
CA VAL A 473 1.75 0.72 -17.40
C VAL A 473 0.74 -0.18 -18.10
N LYS A 474 0.58 -1.39 -17.60
CA LYS A 474 -0.43 -2.32 -18.08
C LYS A 474 -1.64 -2.27 -17.16
N VAL A 475 -2.83 -2.27 -17.74
CA VAL A 475 -4.08 -2.28 -17.00
C VAL A 475 -4.78 -3.61 -17.28
N LEU A 476 -4.94 -4.42 -16.25
CA LEU A 476 -5.73 -5.64 -16.31
C LEU A 476 -7.06 -5.32 -15.64
N LEU A 477 -8.04 -4.92 -16.45
CA LEU A 477 -9.31 -4.43 -15.93
C LEU A 477 -10.28 -5.60 -15.82
N LEU A 478 -10.58 -6.00 -14.59
CA LEU A 478 -11.55 -7.05 -14.32
C LEU A 478 -12.93 -6.41 -14.29
N ASN A 479 -13.64 -6.48 -15.41
CA ASN A 479 -14.86 -5.71 -15.62
C ASN A 479 -16.07 -6.60 -15.37
N ASN A 480 -16.73 -6.39 -14.23
CA ASN A 480 -17.96 -7.10 -13.89
C ASN A 480 -19.19 -6.20 -13.92
N GLN A 481 -19.07 -4.98 -14.44
CA GLN A 481 -20.17 -4.02 -14.58
C GLN A 481 -20.82 -3.65 -13.26
N HIS A 482 -20.20 -3.97 -12.13
CA HIS A 482 -20.80 -3.73 -10.83
C HIS A 482 -19.76 -3.20 -9.85
N LEU A 483 -20.27 -2.60 -8.78
CA LEU A 483 -19.49 -2.38 -7.55
C LEU A 483 -19.50 -3.72 -6.81
N GLY A 484 -18.54 -4.56 -7.18
CA GLY A 484 -18.67 -5.99 -6.93
C GLY A 484 -18.73 -6.36 -5.45
N MET A 485 -17.83 -5.80 -4.65
N MET A 485 -17.83 -5.79 -4.65
CA MET A 485 -17.79 -6.17 -3.24
CA MET A 485 -17.77 -6.15 -3.24
C MET A 485 -19.06 -5.76 -2.51
C MET A 485 -19.04 -5.75 -2.50
N VAL A 486 -19.60 -4.58 -2.84
CA VAL A 486 -20.88 -4.18 -2.26
C VAL A 486 -22.00 -5.06 -2.78
N MET A 487 -21.92 -5.43 -4.06
CA MET A 487 -22.88 -6.37 -4.64
C MET A 487 -22.86 -7.71 -3.90
N GLN A 488 -21.67 -8.21 -3.56
CA GLN A 488 -21.57 -9.47 -2.85
C GLN A 488 -22.27 -9.40 -1.50
N TRP A 489 -22.11 -8.29 -0.78
CA TRP A 489 -22.79 -8.15 0.50
C TRP A 489 -24.30 -8.01 0.33
N GLU A 490 -24.74 -7.38 -0.77
CA GLU A 490 -26.15 -7.37 -1.09
C GLU A 490 -26.70 -8.78 -1.26
N ASP A 491 -25.94 -9.65 -1.95
CA ASP A 491 -26.38 -11.02 -2.15
C ASP A 491 -26.45 -11.79 -0.84
N ARG A 492 -25.43 -11.63 0.02
CA ARG A 492 -25.36 -12.44 1.24
C ARG A 492 -26.36 -11.96 2.28
N PHE A 493 -26.49 -10.65 2.47
CA PHE A 493 -27.16 -10.13 3.65
C PHE A 493 -28.39 -9.28 3.34
N TYR A 494 -28.68 -8.98 2.08
CA TYR A 494 -29.83 -8.15 1.75
C TYR A 494 -30.66 -8.76 0.63
N LYS A 495 -30.64 -10.09 0.52
CA LYS A 495 -31.49 -10.83 -0.42
C LYS A 495 -31.29 -10.36 -1.86
N ALA A 496 -30.05 -10.04 -2.21
CA ALA A 496 -29.66 -9.59 -3.55
C ALA A 496 -30.42 -8.34 -4.00
N ASN A 497 -30.95 -7.55 -3.07
CA ASN A 497 -31.60 -6.30 -3.43
C ASN A 497 -30.54 -5.27 -3.82
N ARG A 498 -30.58 -4.85 -5.08
CA ARG A 498 -29.57 -3.95 -5.62
C ARG A 498 -29.85 -2.51 -5.19
N ALA A 499 -28.88 -1.88 -4.53
CA ALA A 499 -28.97 -0.49 -4.11
C ALA A 499 -27.80 0.27 -4.74
N HIS A 500 -27.92 0.53 -6.05
CA HIS A 500 -27.01 1.42 -6.77
C HIS A 500 -25.61 0.83 -6.92
N THR A 501 -25.53 -0.47 -7.20
CA THR A 501 -24.26 -1.14 -7.43
C THR A 501 -24.00 -1.48 -8.89
N PHE A 502 -24.99 -1.32 -9.77
CA PHE A 502 -24.78 -1.58 -11.19
C PHE A 502 -24.19 -0.35 -11.86
N LEU A 503 -23.07 -0.54 -12.56
CA LEU A 503 -22.33 0.57 -13.15
C LEU A 503 -22.57 0.74 -14.64
N GLY A 504 -23.34 -0.16 -15.28
CA GLY A 504 -23.62 -0.05 -16.69
C GLY A 504 -24.81 0.84 -16.98
N ASP A 505 -25.28 0.77 -18.23
CA ASP A 505 -26.42 1.57 -18.66
C ASP A 505 -27.68 0.71 -18.63
N PRO A 506 -28.64 1.00 -17.76
CA PRO A 506 -29.84 0.16 -17.69
C PRO A 506 -30.70 0.19 -18.95
N ALA A 507 -30.53 1.20 -19.82
CA ALA A 507 -31.27 1.22 -21.07
C ALA A 507 -30.75 0.15 -22.02
N GLN A 508 -29.45 -0.05 -22.07
CA GLN A 508 -28.83 -1.11 -22.87
C GLN A 508 -28.15 -2.10 -21.92
N GLU A 509 -28.99 -2.87 -21.23
CA GLU A 509 -28.55 -3.61 -20.05
C GLU A 509 -27.44 -4.62 -20.34
N ASP A 510 -27.45 -5.21 -21.53
CA ASP A 510 -26.46 -6.23 -21.88
C ASP A 510 -25.26 -5.68 -22.63
N GLU A 511 -25.08 -4.36 -22.65
CA GLU A 511 -23.94 -3.73 -23.28
C GLU A 511 -22.91 -3.36 -22.21
N ILE A 512 -21.63 -3.61 -22.52
CA ILE A 512 -20.55 -3.22 -21.62
C ILE A 512 -20.48 -1.70 -21.59
N PHE A 513 -20.79 -1.11 -20.44
CA PHE A 513 -20.78 0.34 -20.29
C PHE A 513 -20.04 0.72 -19.01
N PRO A 514 -19.15 1.72 -19.05
CA PRO A 514 -18.77 2.42 -20.29
C PRO A 514 -17.83 1.58 -21.16
N ASN A 515 -17.45 2.11 -22.31
CA ASN A 515 -16.50 1.44 -23.20
C ASN A 515 -15.11 1.90 -22.80
N MET A 516 -14.46 1.13 -21.93
CA MET A 516 -13.15 1.52 -21.41
C MET A 516 -12.10 1.56 -22.51
N LEU A 517 -12.30 0.84 -23.62
CA LEU A 517 -11.35 0.91 -24.72
C LEU A 517 -11.25 2.31 -25.31
N LEU A 518 -12.37 3.04 -25.32
CA LEU A 518 -12.36 4.39 -25.86
C LEU A 518 -11.76 5.40 -24.88
N PHE A 519 -11.83 5.11 -23.57
CA PHE A 519 -11.04 5.89 -22.61
C PHE A 519 -9.56 5.78 -22.93
N ALA A 520 -9.09 4.56 -23.18
CA ALA A 520 -7.68 4.36 -23.54
C ALA A 520 -7.37 4.99 -24.88
N ALA A 521 -8.29 4.85 -25.85
CA ALA A 521 -8.07 5.44 -27.17
C ALA A 521 -7.99 6.96 -27.08
N ALA A 522 -8.82 7.58 -26.23
CA ALA A 522 -8.77 9.02 -26.05
C ALA A 522 -7.38 9.51 -25.65
N CYS A 523 -6.63 8.67 -24.94
CA CYS A 523 -5.28 9.03 -24.49
C CYS A 523 -4.20 8.29 -25.27
N GLY A 524 -4.52 7.82 -26.48
CA GLY A 524 -3.52 7.19 -27.33
C GLY A 524 -2.89 5.95 -26.73
N ILE A 525 -3.65 5.19 -25.96
CA ILE A 525 -3.15 3.99 -25.29
C ILE A 525 -3.78 2.78 -25.97
N PRO A 526 -2.98 1.88 -26.55
CA PRO A 526 -3.56 0.69 -27.20
C PRO A 526 -4.33 -0.16 -26.20
N ALA A 527 -5.43 -0.75 -26.68
CA ALA A 527 -6.33 -1.46 -25.80
C ALA A 527 -7.02 -2.59 -26.56
N ALA A 528 -7.59 -3.52 -25.80
CA ALA A 528 -8.37 -4.61 -26.37
C ALA A 528 -9.30 -5.15 -25.29
N ARG A 529 -10.37 -5.81 -25.74
CA ARG A 529 -11.31 -6.48 -24.87
C ARG A 529 -11.28 -7.98 -25.14
N VAL A 530 -11.40 -8.77 -24.08
CA VAL A 530 -11.45 -10.22 -24.19
C VAL A 530 -12.65 -10.71 -23.38
N THR A 531 -13.38 -11.69 -23.93
CA THR A 531 -14.60 -12.18 -23.30
C THR A 531 -14.57 -13.69 -23.16
N LYS A 532 -13.95 -14.37 -24.12
CA LYS A 532 -13.88 -15.83 -24.14
C LYS A 532 -12.63 -16.29 -23.39
N LYS A 533 -12.81 -17.24 -22.46
CA LYS A 533 -11.70 -17.74 -21.67
C LYS A 533 -10.59 -18.31 -22.56
N ALA A 534 -10.94 -18.84 -23.73
CA ALA A 534 -9.93 -19.39 -24.62
C ALA A 534 -9.01 -18.31 -25.17
N ASP A 535 -9.51 -17.08 -25.31
CA ASP A 535 -8.73 -15.97 -25.85
C ASP A 535 -7.91 -15.24 -24.80
N LEU A 536 -8.12 -15.55 -23.52
CA LEU A 536 -7.55 -14.73 -22.45
C LEU A 536 -6.03 -14.80 -22.41
N ARG A 537 -5.47 -16.01 -22.62
CA ARG A 537 -4.04 -16.18 -22.49
C ARG A 537 -3.27 -15.37 -23.53
N GLU A 538 -3.72 -15.40 -24.79
CA GLU A 538 -3.05 -14.62 -25.82
C GLU A 538 -3.28 -13.13 -25.62
N ALA A 539 -4.44 -12.73 -25.10
CA ALA A 539 -4.72 -11.31 -24.89
C ALA A 539 -3.77 -10.73 -23.83
N ILE A 540 -3.61 -11.44 -22.71
CA ILE A 540 -2.66 -10.98 -21.69
C ILE A 540 -1.25 -10.95 -22.24
N GLN A 541 -0.87 -11.98 -23.00
CA GLN A 541 0.45 -12.01 -23.61
C GLN A 541 0.66 -10.81 -24.54
N THR A 542 -0.37 -10.47 -25.31
CA THR A 542 -0.28 -9.29 -26.18
C THR A 542 -0.10 -8.02 -25.37
N MET A 543 -0.86 -7.88 -24.28
CA MET A 543 -0.69 -6.73 -23.39
C MET A 543 0.74 -6.63 -22.89
N LEU A 544 1.34 -7.75 -22.50
CA LEU A 544 2.69 -7.73 -21.96
C LEU A 544 3.73 -7.45 -23.05
N ASP A 545 3.53 -8.03 -24.24
CA ASP A 545 4.53 -7.91 -25.30
C ASP A 545 4.47 -6.57 -26.00
N THR A 546 3.30 -5.93 -26.04
CA THR A 546 3.18 -4.63 -26.67
C THR A 546 3.92 -3.58 -25.85
N PRO A 547 4.95 -2.93 -26.41
CA PRO A 547 5.70 -1.94 -25.62
C PRO A 547 4.84 -0.76 -25.24
N GLY A 548 5.13 -0.18 -24.07
CA GLY A 548 4.41 0.96 -23.59
C GLY A 548 3.12 0.59 -22.88
N PRO A 549 2.23 1.57 -22.71
CA PRO A 549 0.99 1.32 -21.97
C PRO A 549 0.03 0.44 -22.75
N TYR A 550 -0.84 -0.23 -22.02
CA TYR A 550 -1.83 -1.12 -22.63
C TYR A 550 -2.95 -1.38 -21.63
N LEU A 551 -4.19 -1.33 -22.12
CA LEU A 551 -5.37 -1.64 -21.33
C LEU A 551 -6.04 -2.90 -21.87
N LEU A 552 -6.26 -3.88 -21.01
CA LEU A 552 -6.95 -5.11 -21.37
C LEU A 552 -8.27 -5.17 -20.59
N ASP A 553 -9.38 -4.99 -21.30
CA ASP A 553 -10.72 -5.06 -20.71
C ASP A 553 -11.14 -6.52 -20.64
N VAL A 554 -11.10 -7.09 -19.44
CA VAL A 554 -11.40 -8.50 -19.22
C VAL A 554 -12.82 -8.61 -18.68
N ILE A 555 -13.75 -9.06 -19.53
CA ILE A 555 -15.15 -9.18 -19.12
C ILE A 555 -15.31 -10.42 -18.25
N CYS A 556 -15.99 -10.26 -17.12
CA CYS A 556 -16.17 -11.32 -16.15
C CYS A 556 -17.63 -11.40 -15.73
N PRO A 557 -18.13 -12.61 -15.45
CA PRO A 557 -19.48 -12.73 -14.89
C PRO A 557 -19.55 -12.08 -13.52
N HIS A 558 -20.57 -11.27 -13.30
CA HIS A 558 -20.63 -10.46 -12.09
C HIS A 558 -21.05 -11.26 -10.86
N GLN A 559 -21.60 -12.46 -11.05
CA GLN A 559 -22.09 -13.26 -9.93
C GLN A 559 -20.98 -13.90 -9.10
N GLU A 560 -19.72 -13.70 -9.46
CA GLU A 560 -18.63 -14.24 -8.67
C GLU A 560 -18.63 -13.65 -7.27
N HIS A 561 -18.24 -14.46 -6.29
CA HIS A 561 -18.07 -14.02 -4.92
C HIS A 561 -16.66 -14.32 -4.45
N VAL A 562 -16.10 -13.40 -3.67
CA VAL A 562 -14.80 -13.65 -3.05
C VAL A 562 -14.99 -14.64 -1.91
N LEU A 563 -14.26 -15.75 -1.97
CA LEU A 563 -14.33 -16.79 -0.96
C LEU A 563 -12.92 -17.20 -0.55
N PRO A 564 -12.74 -17.68 0.68
CA PRO A 564 -13.79 -17.75 1.70
C PRO A 564 -14.09 -16.40 2.33
N MET A 565 -15.10 -16.35 3.20
CA MET A 565 -15.52 -15.12 3.83
C MET A 565 -15.91 -15.40 5.28
N ILE A 566 -15.18 -14.81 6.21
CA ILE A 566 -15.59 -14.78 7.61
C ILE A 566 -16.36 -13.48 7.82
N PRO A 567 -17.64 -13.54 8.19
CA PRO A 567 -18.43 -12.31 8.34
C PRO A 567 -17.80 -11.38 9.36
N SER A 568 -18.09 -10.09 9.21
CA SER A 568 -17.46 -9.07 10.05
C SER A 568 -17.78 -9.30 11.52
N GLY A 569 -16.75 -9.37 12.34
CA GLY A 569 -16.91 -9.66 13.75
C GLY A 569 -17.16 -11.11 14.09
N GLY A 570 -17.02 -12.01 13.11
CA GLY A 570 -17.28 -13.41 13.32
C GLY A 570 -16.05 -14.16 13.81
N THR A 571 -16.20 -15.47 13.91
CA THR A 571 -15.15 -16.38 14.33
C THR A 571 -14.82 -17.34 13.18
N PHE A 572 -13.82 -18.20 13.41
CA PHE A 572 -13.47 -19.18 12.39
C PHE A 572 -14.62 -20.15 12.12
N ASN A 573 -15.45 -20.42 13.13
CA ASN A 573 -16.59 -21.31 12.94
C ASN A 573 -17.68 -20.72 12.07
N ASP A 574 -17.58 -19.43 11.74
CA ASP A 574 -18.57 -18.77 10.89
C ASP A 574 -18.12 -18.62 9.45
N VAL A 575 -16.97 -19.20 9.09
CA VAL A 575 -16.41 -19.00 7.76
C VAL A 575 -17.38 -19.53 6.71
N ILE A 576 -17.56 -18.74 5.65
CA ILE A 576 -18.37 -19.13 4.50
C ILE A 576 -17.43 -19.62 3.41
N THR A 577 -17.67 -20.84 2.92
CA THR A 577 -16.78 -21.46 1.95
C THR A 577 -17.41 -21.70 0.59
N GLU A 578 -18.71 -21.51 0.43
CA GLU A 578 -19.35 -21.79 -0.84
C GLU A 578 -20.49 -20.80 -1.08
N GLY A 579 -20.90 -20.70 -2.34
CA GLY A 579 -21.99 -19.85 -2.74
C GLY A 579 -21.51 -18.66 -3.57
N ASP A 580 -22.43 -18.16 -4.39
CA ASP A 580 -22.20 -16.94 -5.17
C ASP A 580 -23.54 -16.29 -5.45
N GLY A 581 -23.56 -15.36 -6.42
CA GLY A 581 -24.76 -14.62 -6.72
C GLY A 581 -25.66 -15.30 -7.75
N ARG A 582 -25.55 -16.61 -7.90
CA ARG A 582 -26.35 -17.34 -8.87
C ARG A 582 -27.49 -18.10 -8.22
MG MG B . -16.57 -3.95 -10.46
PA FAD C . -0.16 -2.37 8.73
O1A FAD C . 0.62 -2.88 7.54
O2A FAD C . -1.28 -1.47 8.26
O5B FAD C . 0.87 -1.53 9.76
C5B FAD C . 2.16 -2.08 10.04
C4B FAD C . 2.24 -2.41 11.41
O4B FAD C . 3.65 -2.84 11.75
C3B FAD C . 1.96 -1.14 12.33
O3B FAD C . 1.48 -1.62 13.67
C2B FAD C . 3.35 -0.55 12.44
O2B FAD C . 3.51 0.17 13.72
C1B FAD C . 4.26 -1.93 12.46
N9A FAD C . 5.56 -1.69 11.91
C8A FAD C . 5.86 -0.90 10.89
N7A FAD C . 7.17 -0.96 10.67
C5A FAD C . 7.72 -1.81 11.55
C6A FAD C . 9.01 -2.31 11.83
N6A FAD C . 10.17 -1.86 11.04
N1A FAD C . 9.18 -3.17 12.82
C2A FAD C . 8.16 -3.59 13.56
N3A FAD C . 6.94 -3.16 13.33
C4A FAD C . 6.68 -2.28 12.35
N1 FAD C . -6.39 -7.76 5.29
C2 FAD C . -6.17 -9.03 5.58
O2 FAD C . -4.95 -9.37 6.18
N3 FAD C . -7.06 -9.98 5.34
C4 FAD C . -8.22 -9.68 4.77
O4 FAD C . -9.16 -10.70 4.51
C4X FAD C . -8.51 -8.34 4.43
N5 FAD C . -9.67 -7.97 3.85
C5X FAD C . -9.70 -6.75 3.25
C6 FAD C . -10.73 -6.46 2.34
C7 FAD C . -10.78 -5.21 1.73
C7M FAD C . -11.89 -4.87 0.72
C8 FAD C . -9.80 -4.25 2.00
C8M FAD C . -9.85 -2.88 1.32
C9 FAD C . -8.77 -4.54 2.91
C9A FAD C . -8.74 -5.80 3.52
N10 FAD C . -7.75 -6.10 4.41
C10 FAD C . -7.54 -7.39 4.71
C1' FAD C . -6.65 -5.12 4.66
C2' FAD C . -6.85 -4.42 6.04
O2' FAD C . -8.06 -3.68 6.25
C3' FAD C . -5.58 -3.90 6.75
O3' FAD C . -4.97 -2.97 5.92
C4' FAD C . -4.59 -5.04 7.00
O4' FAD C . -5.24 -6.17 7.48
C5' FAD C . -3.61 -4.54 8.09
O5' FAD C . -2.31 -4.96 7.71
P FAD C . -1.21 -5.16 8.96
O1P FAD C . -1.84 -5.97 10.07
O2P FAD C . 0.03 -5.83 8.42
O3P FAD C . -0.80 -3.66 9.60
C3' NHE D . 3.45 14.86 16.15
C2' NHE D . 4.26 15.79 17.06
C1' NHE D . 5.76 15.52 17.00
C6' NHE D . 6.18 14.59 15.85
N NHE D . 6.45 16.80 16.81
C1 NHE D . 6.51 17.52 18.07
C2 NHE D . 7.96 17.86 18.40
S NHE D . 8.58 16.67 19.64
O1 NHE D . 9.59 15.73 19.04
O2 NHE D . 9.40 17.37 20.70
O3 NHE D . 7.43 15.92 20.26
C5' NHE D . 5.39 13.28 15.79
C4' NHE D . 3.94 13.42 16.24
N12 A1AUE E . -17.06 -5.14 2.59
C13 A1AUE E . -17.47 -2.86 10.28
C15 A1AUE E . -16.67 -3.40 11.28
C17 A1AUE E . -15.43 -2.85 11.55
C20 A1AUE E . -18.63 -4.08 7.29
C21 A1AUE E . -16.57 -0.13 6.77
C22 A1AUE E . -18.37 -4.43 4.77
C24 A1AUE E . -16.53 -5.33 3.78
C26 A1AUE E . -14.62 -6.14 2.66
C14 A1AUE E . -17.04 -1.77 9.55
C16 A1AUE E . -15.79 -1.21 9.83
C18 A1AUE E . -14.99 -1.75 10.83
C19 A1AUE E . -17.47 0.01 8.01
C23 A1AUE E . -18.26 -4.58 2.49
C25 A1AUE E . -18.89 -4.34 1.13
N08 A1AUE E . -19.52 -3.60 8.31
N09 A1AUE E . -19.13 -4.01 5.92
N10 A1AUE E . -18.90 -4.23 3.58
N11 A1AUE E . -17.17 -4.97 4.88
O03 A1AUE E . -17.85 -1.23 8.54
O04 A1AUE E . -19.14 -4.99 10.49
O05 A1AUE E . -20.14 -2.96 10.75
O06 A1AUE E . -17.55 -4.51 7.57
O07 A1AUE E . -15.25 -5.92 3.89
S02 A1AUE E . -19.10 -3.63 9.96
CL01 A1AUE E . -17.10 -1.49 5.75
O1 SRT F . 15.65 5.15 -10.21
O11 SRT F . 14.30 4.45 -8.66
C1 SRT F . 14.54 5.22 -9.62
C2 SRT F . 13.49 6.23 -10.07
O2 SRT F . 13.40 7.30 -9.15
C3 SRT F . 13.85 6.78 -11.45
O3 SRT F . 12.72 7.35 -12.03
C4 SRT F . 14.94 7.85 -11.33
O4 SRT F . 15.41 8.15 -10.20
O41 SRT F . 15.36 8.43 -12.36
CAB AUJ G . -18.22 0.90 -3.73
OAH AUJ G . -14.53 -0.52 0.58
OAG AUJ G . -13.90 -1.19 -8.65
CAC AUJ G . -15.20 -2.76 0.12
OAI AUJ G . -14.15 -5.98 -8.31
OAK AUJ G . -15.60 -2.30 -9.71
CAA AUJ G . -13.64 5.90 -2.87
CAN AUJ G . -15.70 -1.70 -5.96
CAO AUJ G . -16.95 -1.39 -5.18
CAP AUJ G . -16.83 1.41 -1.03
CAX AUJ G . -17.14 0.03 -3.11
CAZ AUJ G . -16.60 -1.01 -3.76
NAD AUJ G . -13.81 1.42 -0.92
OAF AUJ G . -16.18 -5.04 -8.80
OAJ AUJ G . -15.58 -5.28 -6.36
OAS AUJ G . -16.01 -1.58 -7.32
OAT AUJ G . -14.38 -3.52 -7.83
SAU AUJ G . -15.44 -1.88 -2.75
CBA AUJ G . -15.89 -0.91 -1.36
CBC AUJ G . -15.59 -1.30 0.08
NBB AUJ G . -16.62 0.23 -1.80
PBD AUJ G . -15.08 -4.95 -7.82
PBE AUJ G . -14.98 -2.17 -8.37
N1 AUJ G . -15.76 4.77 -2.46
C2 AUJ G . -14.45 4.73 -2.39
N3 AUJ G . -13.80 3.58 -1.86
C4 AUJ G . -14.49 2.56 -1.44
C5 AUJ G . -16.00 2.58 -1.52
C6 AUJ G . -16.57 3.69 -2.02
OBC1 AUJ G . -16.75 -1.13 0.86
OC11 AUJ G . -16.62 -0.29 2.05
MG MG H . -9.53 -23.09 -15.27
S SO4 I . -8.69 -9.41 24.12
O1 SO4 I . -9.10 -10.36 23.09
O2 SO4 I . -9.36 -8.12 23.89
O3 SO4 I . -9.06 -9.93 25.43
O4 SO4 I . -7.24 -9.23 24.07
S SO4 J . -14.36 -9.19 -27.83
O1 SO4 J . -15.47 -9.82 -28.53
O2 SO4 J . -14.47 -7.74 -27.95
O3 SO4 J . -14.39 -9.57 -26.43
O4 SO4 J . -13.09 -9.64 -28.43
S SO4 K . -24.26 -6.91 8.09
O1 SO4 K . -24.11 -5.91 7.04
O2 SO4 K . -23.91 -6.33 9.38
O3 SO4 K . -25.64 -7.37 8.12
O4 SO4 K . -23.38 -8.05 7.81
#